data_4PTX
#
_entry.id   4PTX
#
_cell.length_a   89.446
_cell.length_b   97.878
_cell.length_c   109.875
_cell.angle_alpha   90.00
_cell.angle_beta   90.00
_cell.angle_gamma   90.00
#
_symmetry.space_group_name_H-M   'P 21 21 21'
#
loop_
_entity.id
_entity.type
_entity.pdbx_description
1 polymer 'Glycoside hydrolase family 1'
2 non-polymer beta-D-glucopyranose
3 non-polymer 'CACODYLATE ION'
4 water water
#
_entity_poly.entity_id   1
_entity_poly.type   'polypeptide(L)'
_entity_poly.pdbx_seq_one_letter_code
;SMAKIIFPEDFIWGAATSSYQIEGAFNEDGKGESIWDRFSHTPGKIENGDTGDIACDHYHLYREDIELMKEIGIRSYRFS
TSWPRILPEGKGRVNQKGLDFYKRLVDNLLKANIRPMITLYHWDLPQALQDKGGWTNRDTAKYFAEYARLMFEEFNGLVD
LWVTHNEPWVVAFEGHAFGNHAPGTKDFKTALQVAHHLLLSHGMAVDIFREEDLPGEIGITLNLTPAYPAGDSEKDVKAA
SLLDDYINAWFLSPVFKGSYPEELHHIYEQNLGAFTTQPGDMDIISRDIDFLGINYYSRMVVRHKPGDNLFNAEVVKMED
RPSTEMGWEIYPQGLYDILVRVNKEYTDKPLYITENGAAFDDKLTEEGKIHDEKRINYLGDHFKQAYKALKDGVPLRGYY
VWSLMDNFEWAYGYSKRFGLIYVDYENGNRRFLKDSALWYREVIEKGQVEAN
;
_entity_poly.pdbx_strand_id   A,B
#
# COMPACT_ATOMS: atom_id res chain seq x y z
N ILE A 5 -8.35 31.23 39.28
CA ILE A 5 -8.47 30.03 38.44
C ILE A 5 -8.30 28.77 39.28
N ILE A 6 -9.44 28.18 39.67
CA ILE A 6 -9.46 26.99 40.51
C ILE A 6 -10.41 25.95 39.93
N PHE A 7 -9.93 24.73 39.79
CA PHE A 7 -10.72 23.62 39.24
C PHE A 7 -11.37 22.83 40.37
N PRO A 8 -12.46 22.10 40.06
CA PRO A 8 -13.08 21.20 41.04
C PRO A 8 -12.06 20.24 41.64
N GLU A 9 -12.19 19.93 42.92
CA GLU A 9 -11.20 19.08 43.59
C GLU A 9 -11.18 17.66 43.02
N ASP A 10 -12.28 17.23 42.42
CA ASP A 10 -12.35 15.91 41.80
C ASP A 10 -12.09 15.94 40.28
N PHE A 11 -11.61 17.07 39.76
CA PHE A 11 -11.27 17.19 38.34
C PHE A 11 -10.15 16.22 37.96
N ILE A 12 -10.30 15.53 36.83
CA ILE A 12 -9.39 14.44 36.52
C ILE A 12 -8.17 14.88 35.70
N TRP A 13 -7.13 15.27 36.43
CA TRP A 13 -5.87 15.66 35.85
C TRP A 13 -5.09 14.40 35.53
N GLY A 14 -4.65 14.28 34.28
CA GLY A 14 -3.88 13.11 33.91
C GLY A 14 -2.73 13.36 32.96
N ALA A 15 -2.14 12.25 32.49
CA ALA A 15 -1.14 12.28 31.44
C ALA A 15 -1.37 11.10 30.51
N ALA A 16 -0.94 11.23 29.27
CA ALA A 16 -1.23 10.23 28.24
C ALA A 16 0.02 9.75 27.52
N THR A 17 -0.05 8.51 27.06
CA THR A 17 0.98 7.86 26.24
C THR A 17 0.25 6.97 25.22
N SER A 18 1.00 6.30 24.34
CA SER A 18 0.46 5.19 23.54
C SER A 18 1.47 4.06 23.49
N SER A 19 0.99 2.85 23.17
CA SER A 19 1.80 1.63 23.25
C SER A 19 3.04 1.67 22.36
N TYR A 20 2.87 1.93 21.07
CA TYR A 20 4.03 1.87 20.18
C TYR A 20 5.02 2.98 20.53
N GLN A 21 4.53 4.08 21.08
CA GLN A 21 5.42 5.21 21.29
C GLN A 21 6.33 5.04 22.53
N ILE A 22 5.94 4.19 23.48
CA ILE A 22 6.74 4.05 24.70
C ILE A 22 7.22 2.63 25.09
N GLU A 23 6.54 1.59 24.61
CA GLU A 23 6.75 0.24 25.21
C GLU A 23 8.07 -0.43 24.90
N GLY A 24 8.52 -0.34 23.64
CA GLY A 24 9.65 -1.14 23.21
C GLY A 24 9.26 -2.60 23.19
N ALA A 25 10.21 -3.49 23.46
CA ALA A 25 9.91 -4.92 23.50
C ALA A 25 9.14 -5.37 22.26
N PHE A 26 9.56 -4.90 21.09
CA PHE A 26 8.73 -5.01 19.87
C PHE A 26 8.52 -6.44 19.39
N ASN A 27 9.42 -7.37 19.73
CA ASN A 27 9.22 -8.74 19.31
C ASN A 27 9.41 -9.73 20.46
N GLU A 28 9.15 -9.24 21.66
CA GLU A 28 9.39 -10.01 22.87
C GLU A 28 8.14 -10.76 23.37
N ASP A 29 8.34 -11.93 23.99
CA ASP A 29 7.26 -12.65 24.68
C ASP A 29 6.06 -12.96 23.78
N GLY A 30 6.35 -13.27 22.51
CA GLY A 30 5.33 -13.76 21.60
C GLY A 30 4.54 -12.68 20.93
N LYS A 31 4.93 -11.42 21.09
CA LYS A 31 4.22 -10.31 20.41
C LYS A 31 4.32 -10.44 18.89
N GLY A 32 3.22 -10.19 18.18
CA GLY A 32 3.22 -10.21 16.73
C GLY A 32 3.63 -8.87 16.12
N GLU A 33 4.09 -8.90 14.86
CA GLU A 33 4.43 -7.67 14.12
C GLU A 33 3.25 -6.72 13.96
N SER A 34 3.48 -5.42 14.16
CA SER A 34 2.46 -4.41 13.86
C SER A 34 2.82 -3.64 12.60
N ILE A 35 1.86 -2.88 12.07
CA ILE A 35 2.16 -2.09 10.89
C ILE A 35 3.22 -1.01 11.20
N TRP A 36 3.36 -0.61 12.46
CA TRP A 36 4.38 0.39 12.78
C TRP A 36 5.77 -0.23 12.95
N ASP A 37 5.84 -1.51 13.32
CA ASP A 37 7.11 -2.25 13.24
C ASP A 37 7.57 -2.27 11.79
N ARG A 38 6.63 -2.58 10.90
CA ARG A 38 6.98 -2.76 9.50
C ARG A 38 7.39 -1.44 8.86
N PHE A 39 6.59 -0.41 9.11
CA PHE A 39 6.81 0.94 8.58
C PHE A 39 8.15 1.50 9.04
N SER A 40 8.42 1.44 10.35
CA SER A 40 9.65 1.98 10.91
CA SER A 40 9.66 2.02 10.87
C SER A 40 10.89 1.23 10.41
N HIS A 41 10.73 -0.04 10.10
CA HIS A 41 11.85 -0.82 9.59
C HIS A 41 12.03 -0.64 8.08
N THR A 42 11.17 0.17 7.47
CA THR A 42 11.30 0.52 6.06
C THR A 42 12.17 1.76 5.89
N PRO A 43 13.27 1.66 5.12
CA PRO A 43 14.18 2.80 4.96
C PRO A 43 13.49 4.06 4.43
N GLY A 44 13.84 5.21 5.01
CA GLY A 44 13.34 6.49 4.55
C GLY A 44 11.98 6.95 5.05
N LYS A 45 11.32 6.16 5.89
CA LYS A 45 10.01 6.54 6.41
C LYS A 45 10.10 7.36 7.70
N ILE A 46 11.16 7.15 8.49
CA ILE A 46 11.31 7.83 9.78
C ILE A 46 12.58 8.69 9.84
N GLU A 47 12.45 9.89 10.42
CA GLU A 47 13.59 10.77 10.61
C GLU A 47 14.71 10.04 11.35
N ASN A 48 15.91 10.09 10.77
CA ASN A 48 17.12 9.51 11.37
C ASN A 48 17.09 8.00 11.48
N GLY A 49 16.12 7.38 10.81
CA GLY A 49 15.95 5.94 10.83
C GLY A 49 15.58 5.40 12.20
N ASP A 50 14.94 6.23 13.02
CA ASP A 50 14.50 5.80 14.34
C ASP A 50 13.43 4.71 14.22
N THR A 51 13.37 3.84 15.21
CA THR A 51 12.28 2.86 15.28
C THR A 51 11.73 2.83 16.70
N GLY A 52 10.59 2.19 16.90
CA GLY A 52 10.06 1.96 18.23
C GLY A 52 10.51 0.65 18.88
N ASP A 53 11.59 0.06 18.36
CA ASP A 53 12.07 -1.24 18.86
C ASP A 53 12.24 -1.27 20.37
N ILE A 54 12.87 -0.21 20.91
CA ILE A 54 13.10 -0.08 22.35
C ILE A 54 12.31 1.11 22.92
N ALA A 55 12.38 2.25 22.24
CA ALA A 55 11.70 3.48 22.72
C ALA A 55 12.04 3.78 24.20
N CYS A 56 11.03 3.92 25.05
CA CYS A 56 11.28 4.20 26.47
C CYS A 56 11.44 2.93 27.30
N ASP A 57 11.24 1.77 26.66
CA ASP A 57 11.35 0.48 27.33
C ASP A 57 10.38 0.40 28.50
N HIS A 58 9.22 1.04 28.34
CA HIS A 58 8.16 1.02 29.35
C HIS A 58 7.66 -0.40 29.63
N TYR A 59 7.80 -1.30 28.67
CA TYR A 59 7.39 -2.69 28.88
C TYR A 59 8.15 -3.30 30.07
N HIS A 60 9.42 -2.93 30.24
CA HIS A 60 10.21 -3.44 31.38
C HIS A 60 10.27 -2.46 32.55
N LEU A 61 10.12 -1.17 32.25
CA LEU A 61 10.31 -0.12 33.24
C LEU A 61 9.02 0.45 33.83
N TYR A 62 7.87 -0.17 33.53
CA TYR A 62 6.57 0.45 33.90
C TYR A 62 6.40 0.70 35.41
N ARG A 63 6.99 -0.14 36.26
CA ARG A 63 6.89 0.09 37.69
C ARG A 63 7.59 1.39 38.12
N GLU A 64 8.77 1.66 37.55
CA GLU A 64 9.47 2.91 37.80
C GLU A 64 8.68 4.10 37.29
N ASP A 65 8.03 3.91 36.14
CA ASP A 65 7.22 4.98 35.54
C ASP A 65 6.00 5.32 36.41
N ILE A 66 5.39 4.30 37.01
CA ILE A 66 4.26 4.52 37.91
C ILE A 66 4.70 5.29 39.18
N GLU A 67 5.93 5.06 39.63
CA GLU A 67 6.47 5.85 40.74
C GLU A 67 6.55 7.34 40.39
N LEU A 68 6.93 7.64 39.15
CA LEU A 68 7.00 9.03 38.69
C LEU A 68 5.62 9.66 38.55
N MET A 69 4.66 8.87 38.09
CA MET A 69 3.26 9.32 38.07
C MET A 69 2.80 9.73 39.45
N LYS A 70 3.15 8.93 40.45
CA LYS A 70 2.79 9.21 41.84
C LYS A 70 3.45 10.50 42.30
N GLU A 71 4.71 10.71 41.92
CA GLU A 71 5.40 11.95 42.29
C GLU A 71 4.67 13.17 41.72
N ILE A 72 4.23 13.09 40.47
CA ILE A 72 3.51 14.23 39.88
C ILE A 72 2.12 14.31 40.50
N GLY A 73 1.52 13.16 40.77
CA GLY A 73 0.23 13.11 41.43
C GLY A 73 -0.95 13.14 40.48
N ILE A 74 -0.74 12.69 39.25
CA ILE A 74 -1.81 12.62 38.29
C ILE A 74 -2.90 11.69 38.84
N ARG A 75 -4.16 12.01 38.57
CA ARG A 75 -5.26 11.20 39.08
C ARG A 75 -5.66 10.07 38.13
N SER A 76 -5.28 10.21 36.87
CA SER A 76 -5.63 9.23 35.86
C SER A 76 -4.50 9.14 34.85
N TYR A 77 -4.30 7.94 34.30
CA TYR A 77 -3.27 7.70 33.30
C TYR A 77 -3.94 7.09 32.06
N ARG A 78 -3.85 7.79 30.94
CA ARG A 78 -4.39 7.31 29.65
C ARG A 78 -3.29 6.60 28.86
N PHE A 79 -3.52 5.33 28.53
CA PHE A 79 -2.51 4.55 27.79
C PHE A 79 -3.26 3.73 26.75
N SER A 80 -2.55 3.18 25.77
CA SER A 80 -3.21 2.30 24.82
C SER A 80 -2.66 0.88 24.96
N THR A 81 -3.48 -0.09 24.53
CA THR A 81 -3.07 -1.49 24.57
C THR A 81 -2.74 -1.95 23.14
N SER A 82 -1.63 -2.68 23.01
CA SER A 82 -1.19 -3.18 21.72
C SER A 82 -1.98 -4.39 21.30
N TRP A 83 -2.86 -4.21 20.32
CA TRP A 83 -3.58 -5.32 19.70
C TRP A 83 -2.66 -6.53 19.34
N PRO A 84 -1.52 -6.31 18.62
CA PRO A 84 -0.72 -7.49 18.26
C PRO A 84 0.15 -8.06 19.40
N ARG A 85 0.31 -7.33 20.50
CA ARG A 85 0.96 -7.93 21.67
C ARG A 85 0.00 -8.92 22.35
N ILE A 86 -1.30 -8.69 22.17
CA ILE A 86 -2.31 -9.51 22.84
C ILE A 86 -2.85 -10.61 21.92
N LEU A 87 -3.01 -10.27 20.65
CA LEU A 87 -3.45 -11.21 19.62
C LEU A 87 -2.51 -11.08 18.43
N PRO A 88 -1.41 -11.86 18.43
CA PRO A 88 -0.34 -11.65 17.43
C PRO A 88 -0.83 -11.69 15.98
N GLU A 89 -1.82 -12.52 15.70
CA GLU A 89 -2.36 -12.61 14.33
C GLU A 89 -3.54 -11.68 14.13
N GLY A 90 -3.90 -10.93 15.16
CA GLY A 90 -5.03 -10.01 15.08
C GLY A 90 -6.34 -10.68 15.43
N LYS A 91 -6.33 -12.01 15.41
CA LYS A 91 -7.48 -12.85 15.75
C LYS A 91 -6.94 -14.16 16.30
N GLY A 92 -7.84 -15.04 16.73
CA GLY A 92 -7.42 -16.38 17.11
C GLY A 92 -6.96 -16.50 18.56
N ARG A 93 -5.76 -17.04 18.73
CA ARG A 93 -5.25 -17.41 20.04
C ARG A 93 -4.61 -16.25 20.81
N VAL A 94 -5.03 -16.05 22.05
CA VAL A 94 -4.45 -14.98 22.88
C VAL A 94 -3.01 -15.30 23.26
N ASN A 95 -2.16 -14.28 23.23
CA ASN A 95 -0.79 -14.37 23.70
C ASN A 95 -0.78 -13.98 25.17
N GLN A 96 -0.69 -14.99 26.04
CA GLN A 96 -0.93 -14.77 27.45
C GLN A 96 0.08 -13.82 28.09
N LYS A 97 1.35 -13.91 27.68
CA LYS A 97 2.37 -13.06 28.26
C LYS A 97 2.12 -11.58 27.95
N GLY A 98 1.70 -11.31 26.71
CA GLY A 98 1.33 -9.97 26.30
C GLY A 98 0.19 -9.40 27.14
N LEU A 99 -0.88 -10.19 27.30
CA LEU A 99 -2.01 -9.80 28.14
C LEU A 99 -1.59 -9.64 29.62
N ASP A 100 -0.73 -10.53 30.10
CA ASP A 100 -0.25 -10.42 31.49
C ASP A 100 0.44 -9.07 31.78
N PHE A 101 1.12 -8.51 30.78
CA PHE A 101 1.77 -7.21 30.98
C PHE A 101 0.73 -6.16 31.34
N TYR A 102 -0.36 -6.06 30.56
CA TYR A 102 -1.41 -5.07 30.89
C TYR A 102 -2.13 -5.40 32.21
N LYS A 103 -2.27 -6.68 32.54
CA LYS A 103 -2.83 -7.02 33.85
C LYS A 103 -1.92 -6.53 34.98
N ARG A 104 -0.60 -6.69 34.82
CA ARG A 104 0.32 -6.18 35.84
C ARG A 104 0.25 -4.65 35.89
N LEU A 105 0.23 -4.02 34.73
CA LEU A 105 0.21 -2.56 34.64
C LEU A 105 -1.01 -1.99 35.35
N VAL A 106 -2.18 -2.53 35.05
CA VAL A 106 -3.42 -2.05 35.67
C VAL A 106 -3.45 -2.31 37.18
N ASP A 107 -2.97 -3.48 37.62
CA ASP A 107 -2.96 -3.75 39.05
C ASP A 107 -2.09 -2.72 39.77
N ASN A 108 -0.95 -2.38 39.16
CA ASN A 108 -0.01 -1.41 39.76
C ASN A 108 -0.61 0.00 39.80
N LEU A 109 -1.38 0.35 38.77
CA LEU A 109 -1.99 1.67 38.71
C LEU A 109 -3.03 1.80 39.80
N LEU A 110 -3.86 0.77 39.94
CA LEU A 110 -4.93 0.79 40.94
C LEU A 110 -4.34 0.86 42.35
N LYS A 111 -3.24 0.15 42.55
CA LYS A 111 -2.55 0.16 43.83
C LYS A 111 -2.01 1.57 44.14
N ALA A 112 -1.70 2.32 43.08
CA ALA A 112 -1.18 3.68 43.22
C ALA A 112 -2.29 4.74 43.26
N ASN A 113 -3.55 4.27 43.25
CA ASN A 113 -4.71 5.17 43.24
C ASN A 113 -4.68 6.04 41.99
N ILE A 114 -4.22 5.47 40.89
CA ILE A 114 -4.26 6.11 39.59
C ILE A 114 -5.31 5.42 38.73
N ARG A 115 -6.31 6.18 38.30
CA ARG A 115 -7.43 5.64 37.54
C ARG A 115 -7.04 5.40 36.08
N PRO A 116 -7.11 4.15 35.61
CA PRO A 116 -6.69 3.89 34.23
C PRO A 116 -7.74 4.29 33.17
N MET A 117 -7.27 4.79 32.04
CA MET A 117 -8.10 4.96 30.86
C MET A 117 -7.39 4.23 29.74
N ILE A 118 -8.04 3.22 29.18
CA ILE A 118 -7.46 2.44 28.09
C ILE A 118 -7.98 2.90 26.73
N THR A 119 -7.07 3.13 25.81
CA THR A 119 -7.36 3.32 24.37
C THR A 119 -7.13 1.98 23.70
N LEU A 120 -8.18 1.39 23.13
CA LEU A 120 -8.02 0.10 22.45
C LEU A 120 -7.19 0.17 21.16
N TYR A 121 -7.41 1.21 20.33
CA TYR A 121 -6.63 1.35 19.09
C TYR A 121 -5.92 2.68 18.99
N HIS A 122 -4.61 2.68 19.20
CA HIS A 122 -3.78 3.85 18.97
C HIS A 122 -2.73 3.54 17.89
N TRP A 123 -3.24 2.95 16.80
CA TRP A 123 -2.61 2.91 15.46
C TRP A 123 -1.74 1.69 15.13
N ASP A 124 -1.47 0.82 16.11
CA ASP A 124 -0.60 -0.34 15.86
C ASP A 124 -1.38 -1.59 15.44
N LEU A 125 -1.99 -1.55 14.26
CA LEU A 125 -2.69 -2.71 13.69
C LEU A 125 -1.74 -3.89 13.51
N PRO A 126 -2.20 -5.10 13.84
CA PRO A 126 -1.48 -6.33 13.52
C PRO A 126 -1.09 -6.38 12.03
N GLN A 127 0.18 -6.60 11.71
CA GLN A 127 0.59 -6.72 10.32
C GLN A 127 -0.15 -7.89 9.64
N ALA A 128 -0.49 -8.92 10.41
CA ALA A 128 -1.25 -10.04 9.87
C ALA A 128 -2.58 -9.59 9.22
N LEU A 129 -3.24 -8.62 9.85
CA LEU A 129 -4.48 -8.07 9.30
C LEU A 129 -4.22 -7.09 8.15
N GLN A 130 -3.10 -6.38 8.19
CA GLN A 130 -2.75 -5.50 7.07
C GLN A 130 -2.54 -6.32 5.79
N ASP A 131 -1.94 -7.51 5.93
CA ASP A 131 -1.72 -8.39 4.77
C ASP A 131 -3.03 -8.88 4.14
N LYS A 132 -4.13 -8.73 4.85
CA LYS A 132 -5.43 -9.04 4.28
C LYS A 132 -6.20 -7.74 4.00
N GLY A 133 -5.47 -6.65 3.81
CA GLY A 133 -6.04 -5.37 3.40
C GLY A 133 -6.22 -4.34 4.51
N GLY A 134 -6.00 -4.75 5.75
CA GLY A 134 -6.15 -3.84 6.87
C GLY A 134 -7.53 -3.22 6.90
N TRP A 135 -7.59 -1.90 7.12
CA TRP A 135 -8.85 -1.24 7.36
C TRP A 135 -9.77 -1.09 6.13
N THR A 136 -9.31 -1.48 4.94
CA THR A 136 -10.24 -1.52 3.79
C THR A 136 -11.01 -2.83 3.75
N ASN A 137 -10.60 -3.80 4.56
CA ASN A 137 -11.29 -5.07 4.65
C ASN A 137 -12.26 -4.98 5.83
N ARG A 138 -13.56 -5.09 5.55
CA ARG A 138 -14.57 -4.95 6.61
C ARG A 138 -14.35 -5.96 7.76
N ASP A 139 -13.74 -7.10 7.46
CA ASP A 139 -13.42 -8.07 8.50
C ASP A 139 -12.53 -7.48 9.60
N THR A 140 -11.75 -6.46 9.28
CA THR A 140 -10.86 -5.86 10.26
C THR A 140 -11.69 -5.18 11.34
N ALA A 141 -12.84 -4.64 10.95
CA ALA A 141 -13.75 -4.04 11.90
C ALA A 141 -14.31 -5.10 12.86
N LYS A 142 -14.70 -6.24 12.30
CA LYS A 142 -15.18 -7.38 13.08
C LYS A 142 -14.13 -7.90 14.08
N TYR A 143 -12.90 -8.04 13.61
CA TYR A 143 -11.83 -8.52 14.50
C TYR A 143 -11.47 -7.50 15.59
N PHE A 144 -11.57 -6.21 15.27
CA PHE A 144 -11.39 -5.18 16.30
C PHE A 144 -12.44 -5.31 17.39
N ALA A 145 -13.69 -5.51 17.00
CA ALA A 145 -14.76 -5.69 17.97
C ALA A 145 -14.49 -6.92 18.85
N GLU A 146 -13.96 -7.98 18.24
CA GLU A 146 -13.68 -9.21 18.99
C GLU A 146 -12.54 -8.97 19.98
N TYR A 147 -11.58 -8.15 19.57
CA TYR A 147 -10.46 -7.80 20.44
C TYR A 147 -10.96 -6.94 21.60
N ALA A 148 -11.85 -5.99 21.28
CA ALA A 148 -12.52 -5.19 22.30
C ALA A 148 -13.23 -6.06 23.32
N ARG A 149 -13.95 -7.07 22.86
CA ARG A 149 -14.71 -7.92 23.77
C ARG A 149 -13.77 -8.62 24.75
N LEU A 150 -12.67 -9.16 24.21
CA LEU A 150 -11.64 -9.81 25.03
C LEU A 150 -11.18 -8.90 26.16
N MET A 151 -10.86 -7.66 25.81
CA MET A 151 -10.35 -6.71 26.78
C MET A 151 -11.43 -6.34 27.80
N PHE A 152 -12.66 -6.15 27.34
CA PHE A 152 -13.76 -5.84 28.25
C PHE A 152 -13.92 -6.97 29.26
N GLU A 153 -13.84 -8.21 28.77
CA GLU A 153 -14.01 -9.35 29.65
C GLU A 153 -12.87 -9.44 30.66
N GLU A 154 -11.64 -9.23 30.20
CA GLU A 154 -10.48 -9.38 31.07
C GLU A 154 -10.37 -8.27 32.12
N PHE A 155 -10.83 -7.05 31.80
CA PHE A 155 -10.69 -5.95 32.75
C PHE A 155 -12.01 -5.46 33.35
N ASN A 156 -13.05 -6.28 33.24
CA ASN A 156 -14.34 -6.06 33.92
C ASN A 156 -14.11 -5.76 35.42
N GLY A 157 -14.47 -4.55 35.85
CA GLY A 157 -14.33 -4.16 37.24
C GLY A 157 -12.94 -3.64 37.63
N LEU A 158 -12.04 -3.55 36.66
CA LEU A 158 -10.68 -3.03 36.90
C LEU A 158 -10.45 -1.72 36.15
N VAL A 159 -10.96 -1.64 34.92
CA VAL A 159 -10.89 -0.42 34.12
C VAL A 159 -12.30 0.07 33.85
N ASP A 160 -12.58 1.34 34.17
CA ASP A 160 -13.92 1.87 33.92
C ASP A 160 -13.95 3.11 33.01
N LEU A 161 -12.85 3.36 32.31
CA LEU A 161 -12.80 4.41 31.29
C LEU A 161 -12.19 3.84 30.04
N TRP A 162 -12.95 3.85 28.95
CA TRP A 162 -12.53 3.18 27.74
C TRP A 162 -12.68 4.08 26.54
N VAL A 163 -11.66 4.07 25.68
CA VAL A 163 -11.70 4.75 24.40
C VAL A 163 -11.49 3.72 23.30
N THR A 164 -12.38 3.67 22.33
CA THR A 164 -12.26 2.66 21.27
C THR A 164 -11.09 3.01 20.37
N HIS A 165 -11.19 4.21 19.79
CA HIS A 165 -10.24 4.67 18.79
C HIS A 165 -9.59 6.01 19.15
N ASN A 166 -8.29 6.12 18.85
CA ASN A 166 -7.57 7.40 18.83
C ASN A 166 -7.45 8.01 17.42
N GLU A 167 -8.03 9.20 17.22
CA GLU A 167 -7.85 10.00 15.99
C GLU A 167 -8.03 9.26 14.67
N PRO A 168 -9.26 8.82 14.39
CA PRO A 168 -9.49 8.08 13.14
C PRO A 168 -9.18 8.92 11.88
N TRP A 169 -9.28 10.25 11.96
CA TRP A 169 -8.88 11.09 10.82
C TRP A 169 -7.43 10.82 10.47
N VAL A 170 -6.56 10.85 11.48
CA VAL A 170 -5.13 10.67 11.26
C VAL A 170 -4.85 9.27 10.72
N VAL A 171 -5.46 8.26 11.33
CA VAL A 171 -5.28 6.87 10.88
C VAL A 171 -5.65 6.74 9.39
N ALA A 172 -6.81 7.29 9.04
CA ALA A 172 -7.29 7.23 7.66
C ALA A 172 -6.39 8.01 6.70
N PHE A 173 -6.17 9.29 6.97
CA PHE A 173 -5.58 10.17 5.95
C PHE A 173 -4.04 10.22 5.98
N GLU A 174 -3.45 10.30 7.17
CA GLU A 174 -1.99 10.23 7.24
C GLU A 174 -1.48 8.84 6.92
N GLY A 175 -2.26 7.84 7.32
CA GLY A 175 -1.89 6.45 7.09
C GLY A 175 -2.13 5.94 5.67
N HIS A 176 -3.15 6.47 4.99
CA HIS A 176 -3.56 5.88 3.71
C HIS A 176 -3.76 6.89 2.57
N ALA A 177 -3.80 8.19 2.86
CA ALA A 177 -3.93 9.17 1.78
C ALA A 177 -2.59 9.82 1.45
N PHE A 178 -1.86 10.20 2.49
CA PHE A 178 -0.61 10.96 2.32
C PHE A 178 0.61 10.10 2.64
N GLY A 179 0.36 8.92 3.20
CA GLY A 179 1.40 7.93 3.43
C GLY A 179 2.54 8.31 4.37
N ASN A 180 2.29 9.29 5.23
CA ASN A 180 3.26 9.72 6.23
C ASN A 180 3.31 8.77 7.41
N HIS A 181 2.19 8.08 7.64
CA HIS A 181 2.06 7.12 8.74
C HIS A 181 1.87 5.69 8.21
N ALA A 182 2.16 4.68 9.03
CA ALA A 182 1.88 3.29 8.66
C ALA A 182 0.39 3.16 8.31
N PRO A 183 0.04 2.33 7.32
CA PRO A 183 0.91 1.45 6.52
C PRO A 183 1.64 2.17 5.38
N GLY A 184 1.33 3.44 5.13
CA GLY A 184 2.11 4.24 4.19
C GLY A 184 1.51 4.32 2.80
N THR A 185 0.22 4.01 2.71
CA THR A 185 -0.53 4.02 1.44
C THR A 185 -0.81 5.46 1.02
N LYS A 186 -0.86 5.75 -0.28
CA LYS A 186 -1.12 7.11 -0.75
C LYS A 186 -2.26 7.15 -1.76
N ASP A 187 -3.47 6.95 -1.28
CA ASP A 187 -4.65 6.81 -2.12
C ASP A 187 -5.85 7.34 -1.35
N PHE A 188 -6.35 8.50 -1.78
CA PHE A 188 -7.42 9.18 -1.05
C PHE A 188 -8.71 8.34 -1.00
N LYS A 189 -8.98 7.56 -2.04
CA LYS A 189 -10.17 6.70 -2.02
C LYS A 189 -10.08 5.65 -0.91
N THR A 190 -8.90 5.06 -0.78
CA THR A 190 -8.63 4.12 0.29
C THR A 190 -8.83 4.78 1.66
N ALA A 191 -8.35 6.02 1.80
CA ALA A 191 -8.51 6.73 3.07
C ALA A 191 -9.98 6.86 3.48
N LEU A 192 -10.87 7.16 2.52
CA LEU A 192 -12.30 7.29 2.83
C LEU A 192 -12.90 5.96 3.26
N GLN A 193 -12.52 4.88 2.59
CA GLN A 193 -13.05 3.56 2.93
C GLN A 193 -12.56 3.16 4.33
N VAL A 194 -11.31 3.50 4.61
CA VAL A 194 -10.71 3.24 5.91
C VAL A 194 -11.50 3.95 7.00
N ALA A 195 -11.72 5.26 6.81
CA ALA A 195 -12.46 6.08 7.77
C ALA A 195 -13.79 5.47 8.15
N HIS A 196 -14.53 5.00 7.14
CA HIS A 196 -15.82 4.37 7.35
C HIS A 196 -15.72 3.12 8.24
N HIS A 197 -14.73 2.28 7.96
CA HIS A 197 -14.56 1.06 8.73
C HIS A 197 -14.08 1.30 10.17
N LEU A 198 -13.30 2.36 10.36
CA LEU A 198 -12.87 2.76 11.71
C LEU A 198 -14.10 3.17 12.51
N LEU A 199 -14.91 4.02 11.90
CA LEU A 199 -16.18 4.44 12.49
C LEU A 199 -17.07 3.25 12.79
N LEU A 200 -17.21 2.36 11.80
CA LEU A 200 -18.00 1.15 11.98
C LEU A 200 -17.49 0.30 13.15
N SER A 201 -16.19 0.05 13.18
CA SER A 201 -15.61 -0.77 14.24
C SER A 201 -15.85 -0.17 15.63
N HIS A 202 -15.84 1.16 15.72
CA HIS A 202 -16.16 1.85 16.96
C HIS A 202 -17.56 1.51 17.48
N GLY A 203 -18.56 1.64 16.61
CA GLY A 203 -19.93 1.35 17.02
C GLY A 203 -20.10 -0.12 17.39
N MET A 204 -19.41 -0.99 16.67
CA MET A 204 -19.47 -2.42 16.97
C MET A 204 -18.96 -2.74 18.38
N ALA A 205 -17.89 -2.05 18.79
CA ALA A 205 -17.34 -2.25 20.12
C ALA A 205 -18.26 -1.65 21.18
N VAL A 206 -18.90 -0.52 20.87
CA VAL A 206 -19.83 0.07 21.82
C VAL A 206 -20.97 -0.91 22.12
N ASP A 207 -21.47 -1.58 21.09
CA ASP A 207 -22.55 -2.54 21.25
C ASP A 207 -22.14 -3.67 22.18
N ILE A 208 -20.92 -4.16 21.98
CA ILE A 208 -20.39 -5.22 22.81
C ILE A 208 -20.19 -4.78 24.25
N PHE A 209 -19.73 -3.54 24.44
CA PHE A 209 -19.53 -2.96 25.76
C PHE A 209 -20.83 -2.98 26.57
N ARG A 210 -21.93 -2.59 25.92
CA ARG A 210 -23.23 -2.59 26.59
C ARG A 210 -23.66 -4.02 26.94
N GLU A 211 -23.46 -4.95 25.99
CA GLU A 211 -23.86 -6.34 26.19
C GLU A 211 -23.09 -6.99 27.35
N GLU A 212 -21.80 -6.72 27.43
CA GLU A 212 -20.95 -7.31 28.47
C GLU A 212 -21.27 -6.74 29.85
N ASP A 213 -21.90 -5.57 29.87
CA ASP A 213 -22.43 -4.95 31.07
C ASP A 213 -21.35 -4.63 32.11
N LEU A 214 -20.14 -4.28 31.67
CA LEU A 214 -19.13 -3.83 32.63
C LEU A 214 -19.58 -2.54 33.26
N PRO A 215 -19.13 -2.29 34.50
CA PRO A 215 -19.33 -0.94 35.03
C PRO A 215 -18.33 0.01 34.39
N GLY A 216 -18.76 1.23 34.07
CA GLY A 216 -17.84 2.20 33.50
C GLY A 216 -18.38 2.92 32.28
N GLU A 217 -17.48 3.62 31.61
CA GLU A 217 -17.86 4.52 30.53
C GLU A 217 -17.03 4.30 29.27
N ILE A 218 -17.67 4.41 28.12
CA ILE A 218 -16.94 4.22 26.87
C ILE A 218 -17.13 5.43 25.97
N GLY A 219 -16.10 5.75 25.19
CA GLY A 219 -16.15 6.88 24.28
C GLY A 219 -15.19 6.70 23.11
N ILE A 220 -14.99 7.76 22.35
CA ILE A 220 -14.02 7.76 21.27
C ILE A 220 -13.18 9.02 21.43
N THR A 221 -11.98 9.04 20.88
CA THR A 221 -11.13 10.22 20.89
C THR A 221 -10.86 10.77 19.49
N LEU A 222 -11.23 12.04 19.26
CA LEU A 222 -11.05 12.71 17.98
C LEU A 222 -10.05 13.86 18.11
N ASN A 223 -9.14 13.99 17.14
CA ASN A 223 -8.36 15.20 16.99
C ASN A 223 -9.27 16.21 16.34
N LEU A 224 -9.39 17.38 16.96
CA LEU A 224 -10.22 18.43 16.41
C LEU A 224 -9.39 19.68 16.17
N THR A 225 -9.45 20.19 14.95
CA THR A 225 -8.73 21.40 14.57
C THR A 225 -9.72 22.48 14.13
N PRO A 226 -10.02 23.45 15.01
CA PRO A 226 -10.98 24.50 14.61
C PRO A 226 -10.43 25.38 13.51
N ALA A 227 -11.29 25.76 12.56
CA ALA A 227 -10.84 26.50 11.38
C ALA A 227 -11.37 27.94 11.41
N TYR A 228 -10.55 28.84 10.92
CA TYR A 228 -10.86 30.26 10.97
C TYR A 228 -10.61 30.87 9.60
N PRO A 229 -11.49 31.77 9.16
CA PRO A 229 -11.28 32.41 7.86
C PRO A 229 -10.11 33.38 7.90
N ALA A 230 -9.24 33.31 6.91
CA ALA A 230 -8.10 34.21 6.81
C ALA A 230 -8.57 35.66 6.65
N GLY A 231 -9.71 35.83 5.98
CA GLY A 231 -10.27 37.17 5.79
C GLY A 231 -11.79 37.21 5.92
N ASP A 232 -12.33 38.41 5.68
CA ASP A 232 -13.76 38.66 5.82
C ASP A 232 -14.58 37.99 4.70
N SER A 233 -13.89 37.64 3.62
CA SER A 233 -14.51 37.05 2.43
C SER A 233 -15.53 35.97 2.77
N GLU A 234 -16.70 36.03 2.15
CA GLU A 234 -17.66 34.96 2.32
C GLU A 234 -17.14 33.67 1.69
N LYS A 235 -16.19 33.83 0.76
CA LYS A 235 -15.55 32.68 0.14
C LYS A 235 -14.48 32.07 1.05
N ASP A 236 -13.81 32.91 1.85
CA ASP A 236 -12.87 32.39 2.84
C ASP A 236 -13.61 31.65 3.95
N VAL A 237 -14.82 32.12 4.24
CA VAL A 237 -15.66 31.50 5.26
C VAL A 237 -16.11 30.11 4.85
N LYS A 238 -16.59 29.98 3.60
CA LYS A 238 -16.97 28.68 3.06
C LYS A 238 -15.77 27.74 2.99
N ALA A 239 -14.62 28.30 2.63
CA ALA A 239 -13.38 27.52 2.52
C ALA A 239 -12.99 26.92 3.87
N ALA A 240 -13.03 27.75 4.92
CA ALA A 240 -12.73 27.28 6.27
C ALA A 240 -13.78 26.27 6.72
N SER A 241 -15.03 26.52 6.38
CA SER A 241 -16.10 25.58 6.71
C SER A 241 -15.84 24.19 6.12
N LEU A 242 -15.42 24.14 4.85
CA LEU A 242 -15.13 22.87 4.18
C LEU A 242 -13.97 22.11 4.82
N LEU A 243 -12.92 22.83 5.17
CA LEU A 243 -11.77 22.21 5.82
C LEU A 243 -12.14 21.77 7.23
N ASP A 244 -13.06 22.51 7.87
CA ASP A 244 -13.56 22.10 9.18
C ASP A 244 -14.35 20.78 9.08
N ASP A 245 -15.10 20.61 7.99
CA ASP A 245 -15.81 19.35 7.73
C ASP A 245 -14.84 18.21 7.37
N TYR A 246 -13.75 18.56 6.69
CA TYR A 246 -12.73 17.59 6.26
C TYR A 246 -12.16 16.87 7.47
N ILE A 247 -11.82 17.65 8.50
CA ILE A 247 -11.19 17.11 9.69
C ILE A 247 -12.19 16.76 10.79
N ASN A 248 -13.10 17.67 11.10
CA ASN A 248 -13.89 17.54 12.33
C ASN A 248 -15.26 16.91 12.14
N ALA A 249 -16.09 17.52 11.29
CA ALA A 249 -17.46 17.06 11.11
C ALA A 249 -17.52 15.67 10.47
N TRP A 250 -16.49 15.33 9.69
CA TRP A 250 -16.47 14.05 8.99
C TRP A 250 -16.57 12.89 9.99
N PHE A 251 -16.10 13.11 11.22
CA PHE A 251 -16.22 12.08 12.26
C PHE A 251 -17.25 12.46 13.34
N LEU A 252 -17.41 13.75 13.62
CA LEU A 252 -18.35 14.20 14.65
C LEU A 252 -19.80 13.94 14.23
N SER A 253 -20.12 14.20 12.97
CA SER A 253 -21.50 14.04 12.51
C SER A 253 -21.93 12.56 12.48
N PRO A 254 -21.09 11.65 11.90
CA PRO A 254 -21.50 10.25 11.99
C PRO A 254 -21.70 9.75 13.42
N VAL A 255 -20.82 10.11 14.34
CA VAL A 255 -20.92 9.59 15.71
C VAL A 255 -22.14 10.14 16.45
N PHE A 256 -22.42 11.42 16.29
CA PHE A 256 -23.48 12.04 17.08
C PHE A 256 -24.79 12.30 16.31
N LYS A 257 -24.74 12.30 14.97
CA LYS A 257 -25.97 12.57 14.19
C LYS A 257 -26.35 11.42 13.24
N GLY A 258 -25.44 10.48 13.05
CA GLY A 258 -25.70 9.35 12.17
C GLY A 258 -25.70 9.71 10.70
N SER A 259 -24.90 10.70 10.33
CA SER A 259 -24.74 11.05 8.93
C SER A 259 -23.39 11.70 8.68
N TYR A 260 -22.86 11.55 7.47
CA TYR A 260 -21.69 12.32 7.08
C TYR A 260 -22.15 13.73 6.72
N PRO A 261 -21.25 14.72 6.80
CA PRO A 261 -21.61 16.08 6.34
C PRO A 261 -21.95 16.08 4.86
N GLU A 262 -23.07 16.70 4.51
CA GLU A 262 -23.69 16.48 3.22
C GLU A 262 -22.89 17.01 2.05
N GLU A 263 -22.51 18.28 2.10
CA GLU A 263 -21.81 18.86 0.97
C GLU A 263 -20.48 18.16 0.73
N LEU A 264 -19.72 17.92 1.80
CA LEU A 264 -18.42 17.28 1.62
C LEU A 264 -18.58 15.85 1.06
N HIS A 265 -19.59 15.13 1.55
CA HIS A 265 -19.87 13.77 1.09
C HIS A 265 -20.15 13.77 -0.40
N HIS A 266 -20.90 14.78 -0.84
CA HIS A 266 -21.21 14.99 -2.25
C HIS A 266 -19.94 15.24 -3.07
N ILE A 267 -19.09 16.13 -2.57
CA ILE A 267 -17.86 16.50 -3.26
C ILE A 267 -16.95 15.29 -3.48
N TYR A 268 -16.78 14.49 -2.42
CA TYR A 268 -16.00 13.27 -2.51
C TYR A 268 -16.57 12.31 -3.54
N GLU A 269 -17.87 12.03 -3.41
CA GLU A 269 -18.53 11.04 -4.24
C GLU A 269 -18.47 11.43 -5.71
N GLN A 270 -18.60 12.72 -6.00
CA GLN A 270 -18.60 13.19 -7.38
C GLN A 270 -17.23 12.98 -8.03
N ASN A 271 -16.16 13.24 -7.27
CA ASN A 271 -14.81 13.19 -7.81
C ASN A 271 -14.12 11.82 -7.70
N LEU A 272 -14.44 11.06 -6.66
CA LEU A 272 -13.73 9.83 -6.41
C LEU A 272 -14.62 8.60 -6.56
N GLY A 273 -15.92 8.82 -6.65
CA GLY A 273 -16.86 7.72 -6.60
C GLY A 273 -17.15 7.34 -5.17
N ALA A 274 -18.15 6.49 -4.97
CA ALA A 274 -18.64 6.17 -3.63
C ALA A 274 -17.81 5.09 -2.95
N PHE A 275 -17.50 5.29 -1.67
CA PHE A 275 -16.89 4.21 -0.91
C PHE A 275 -18.00 3.23 -0.48
N THR A 276 -17.61 2.01 -0.13
CA THR A 276 -18.60 0.95 0.08
C THR A 276 -19.16 0.96 1.50
N THR A 277 -20.49 1.06 1.59
CA THR A 277 -21.18 0.98 2.89
C THR A 277 -22.35 0.01 2.78
N GLN A 278 -22.76 -0.54 3.92
CA GLN A 278 -23.97 -1.37 3.97
C GLN A 278 -25.08 -0.62 4.68
N PRO A 279 -26.34 -0.93 4.38
CA PRO A 279 -27.46 -0.31 5.11
C PRO A 279 -27.41 -0.62 6.60
N GLY A 280 -27.67 0.37 7.44
CA GLY A 280 -27.64 0.17 8.88
C GLY A 280 -26.29 0.52 9.50
N ASP A 281 -25.28 0.78 8.66
CA ASP A 281 -23.95 1.18 9.14
C ASP A 281 -24.00 2.47 9.96
N MET A 282 -24.78 3.46 9.52
CA MET A 282 -24.82 4.73 10.25
C MET A 282 -25.49 4.58 11.60
N ASP A 283 -26.40 3.61 11.73
CA ASP A 283 -27.03 3.28 13.00
C ASP A 283 -26.01 2.75 14.02
N ILE A 284 -25.11 1.90 13.54
CA ILE A 284 -24.08 1.30 14.40
C ILE A 284 -23.06 2.36 14.78
N ILE A 285 -22.62 3.14 13.80
CA ILE A 285 -21.62 4.18 14.03
C ILE A 285 -22.11 5.16 15.08
N SER A 286 -23.41 5.42 15.09
CA SER A 286 -23.98 6.47 15.95
C SER A 286 -24.57 5.97 17.27
N ARG A 287 -24.23 4.77 17.70
CA ARG A 287 -24.66 4.30 19.02
C ARG A 287 -24.36 5.33 20.11
N ASP A 288 -25.22 5.37 21.12
CA ASP A 288 -25.01 6.28 22.24
C ASP A 288 -23.71 5.94 22.98
N ILE A 289 -22.87 6.96 23.21
CA ILE A 289 -21.64 6.78 23.98
C ILE A 289 -21.67 7.65 25.24
N ASP A 290 -20.68 7.47 26.12
CA ASP A 290 -20.75 8.06 27.46
C ASP A 290 -19.96 9.37 27.61
N PHE A 291 -18.95 9.55 26.76
CA PHE A 291 -18.15 10.77 26.76
C PHE A 291 -17.44 10.90 25.42
N LEU A 292 -16.96 12.09 25.12
CA LEU A 292 -16.13 12.32 23.95
C LEU A 292 -14.75 12.75 24.41
N GLY A 293 -13.71 12.13 23.87
CA GLY A 293 -12.36 12.59 24.12
C GLY A 293 -11.93 13.53 22.99
N ILE A 294 -11.37 14.68 23.36
CA ILE A 294 -10.87 15.62 22.37
C ILE A 294 -9.35 15.80 22.49
N ASN A 295 -8.66 15.63 21.36
CA ASN A 295 -7.24 15.93 21.31
C ASN A 295 -7.06 17.26 20.62
N TYR A 296 -6.51 18.22 21.33
CA TYR A 296 -6.35 19.56 20.77
C TYR A 296 -4.91 20.04 20.84
N TYR A 297 -4.38 20.51 19.70
CA TYR A 297 -3.05 21.15 19.70
C TYR A 297 -3.02 22.54 19.07
N SER A 298 -3.78 22.75 18.00
CA SER A 298 -3.71 24.01 17.25
C SER A 298 -4.94 24.29 16.42
N ARG A 299 -4.89 25.39 15.66
CA ARG A 299 -5.97 25.75 14.74
C ARG A 299 -5.49 25.77 13.29
N MET A 300 -6.40 26.05 12.37
CA MET A 300 -5.99 26.33 11.01
C MET A 300 -6.70 27.58 10.51
N VAL A 301 -5.92 28.44 9.84
CA VAL A 301 -6.43 29.64 9.18
C VAL A 301 -6.51 29.32 7.70
N VAL A 302 -7.65 29.59 7.07
CA VAL A 302 -7.95 29.09 5.73
C VAL A 302 -8.40 30.17 4.75
N ARG A 303 -7.83 30.18 3.55
CA ARG A 303 -8.26 31.08 2.48
C ARG A 303 -8.69 30.28 1.27
N HIS A 304 -9.65 30.83 0.55
CA HIS A 304 -10.11 30.24 -0.69
C HIS A 304 -9.01 30.16 -1.68
N LYS A 305 -8.90 29.07 -2.38
CA LYS A 305 -7.95 28.94 -3.48
C LYS A 305 -8.40 27.88 -4.46
N PRO A 306 -9.15 28.31 -5.49
CA PRO A 306 -9.86 27.52 -6.50
C PRO A 306 -9.11 26.30 -7.01
N GLY A 307 -7.84 26.48 -7.38
CA GLY A 307 -7.09 25.44 -8.04
C GLY A 307 -6.64 24.23 -7.24
N ASP A 308 -5.73 24.46 -6.29
CA ASP A 308 -4.83 23.41 -5.77
C ASP A 308 -5.46 22.08 -5.38
N ASN A 309 -6.61 22.11 -4.71
CA ASN A 309 -7.19 20.86 -4.26
C ASN A 309 -8.73 20.77 -4.34
N LEU A 310 -9.24 19.64 -3.89
CA LEU A 310 -10.66 19.32 -3.96
C LEU A 310 -11.56 20.30 -3.21
N PHE A 311 -11.04 20.90 -2.15
CA PHE A 311 -11.85 21.80 -1.32
C PHE A 311 -11.66 23.24 -1.77
N ASN A 312 -10.85 23.43 -2.82
CA ASN A 312 -10.46 24.76 -3.27
C ASN A 312 -10.08 25.67 -2.10
N ALA A 313 -9.19 25.17 -1.24
CA ALA A 313 -8.81 25.88 -0.03
C ALA A 313 -7.37 25.56 0.34
N GLU A 314 -6.66 26.56 0.86
CA GLU A 314 -5.33 26.29 1.38
C GLU A 314 -5.17 26.88 2.77
N VAL A 315 -4.32 26.26 3.58
CA VAL A 315 -4.10 26.70 4.95
C VAL A 315 -3.01 27.77 4.95
N VAL A 316 -3.25 28.84 5.71
CA VAL A 316 -2.30 29.95 5.81
C VAL A 316 -1.30 29.74 6.97
N LYS A 317 -0.02 29.92 6.67
CA LYS A 317 1.02 29.92 7.70
C LYS A 317 1.04 31.22 8.51
N MET A 318 0.77 31.13 9.81
CA MET A 318 0.82 32.31 10.68
C MET A 318 2.24 32.57 11.13
N GLU A 319 3.07 33.12 10.25
CA GLU A 319 4.51 33.23 10.51
C GLU A 319 4.85 34.28 11.56
N ASP A 320 3.92 35.17 11.85
CA ASP A 320 4.17 36.22 12.83
C ASP A 320 3.61 35.88 14.21
N ARG A 321 3.14 34.63 14.35
CA ARG A 321 2.68 34.13 15.64
C ARG A 321 3.65 33.09 16.20
N PRO A 322 3.78 33.01 17.53
CA PRO A 322 4.65 31.99 18.12
C PRO A 322 4.23 30.58 17.72
N SER A 323 5.19 29.69 17.52
CA SER A 323 4.89 28.29 17.23
C SER A 323 5.74 27.34 18.06
N THR A 324 5.37 26.06 18.05
CA THR A 324 6.15 25.04 18.77
C THR A 324 7.23 24.49 17.86
N GLU A 325 7.99 23.52 18.37
CA GLU A 325 9.04 22.87 17.62
C GLU A 325 8.48 22.12 16.41
N MET A 326 7.21 21.77 16.46
CA MET A 326 6.55 21.11 15.33
C MET A 326 6.21 22.11 14.24
N GLY A 327 6.30 23.39 14.56
CA GLY A 327 5.85 24.43 13.65
C GLY A 327 4.36 24.76 13.76
N TRP A 328 3.69 24.19 14.77
CA TRP A 328 2.27 24.47 14.97
C TRP A 328 2.06 25.80 15.68
N GLU A 329 1.09 26.59 15.21
CA GLU A 329 0.75 27.82 15.90
C GLU A 329 0.31 27.54 17.33
N ILE A 330 0.80 28.34 18.26
CA ILE A 330 0.28 28.30 19.61
C ILE A 330 -0.99 29.16 19.65
N TYR A 331 -2.13 28.55 19.95
CA TYR A 331 -3.41 29.26 19.90
C TYR A 331 -4.40 28.72 20.93
N PRO A 332 -4.23 29.12 22.20
CA PRO A 332 -5.02 28.59 23.33
C PRO A 332 -6.53 28.86 23.17
N GLN A 333 -6.90 29.95 22.50
CA GLN A 333 -8.32 30.28 22.31
C GLN A 333 -9.07 29.16 21.59
N GLY A 334 -8.35 28.44 20.73
CA GLY A 334 -8.96 27.38 19.96
C GLY A 334 -9.50 26.27 20.84
N LEU A 335 -8.88 26.03 22.00
CA LEU A 335 -9.35 24.97 22.89
C LEU A 335 -10.72 25.34 23.48
N TYR A 336 -10.88 26.61 23.87
CA TYR A 336 -12.19 27.09 24.33
C TYR A 336 -13.23 26.97 23.22
N ASP A 337 -12.88 27.49 22.04
CA ASP A 337 -13.82 27.51 20.92
C ASP A 337 -14.32 26.11 20.56
N ILE A 338 -13.43 25.12 20.54
CA ILE A 338 -13.84 23.80 20.10
C ILE A 338 -14.68 23.09 21.18
N LEU A 339 -14.37 23.32 22.45
CA LEU A 339 -15.19 22.74 23.53
C LEU A 339 -16.60 23.30 23.48
N VAL A 340 -16.69 24.62 23.33
CA VAL A 340 -17.98 25.27 23.24
C VAL A 340 -18.79 24.77 22.03
N ARG A 341 -18.15 24.66 20.87
CA ARG A 341 -18.85 24.26 19.66
C ARG A 341 -19.38 22.83 19.75
N VAL A 342 -18.56 21.92 20.26
CA VAL A 342 -18.96 20.52 20.38
C VAL A 342 -20.17 20.39 21.29
N ASN A 343 -20.16 21.13 22.40
CA ASN A 343 -21.26 21.09 23.35
C ASN A 343 -22.51 21.74 22.74
N LYS A 344 -22.32 22.76 21.92
CA LYS A 344 -23.47 23.44 21.30
C LYS A 344 -24.09 22.64 20.15
N GLU A 345 -23.25 22.14 19.26
CA GLU A 345 -23.70 21.54 18.01
C GLU A 345 -23.89 20.02 18.03
N TYR A 346 -23.07 19.31 18.80
CA TYR A 346 -23.03 17.87 18.62
C TYR A 346 -23.50 17.04 19.80
N THR A 347 -23.09 17.41 21.01
CA THR A 347 -23.40 16.54 22.14
C THR A 347 -23.46 17.26 23.47
N ASP A 348 -24.34 16.80 24.36
CA ASP A 348 -24.33 17.35 25.72
C ASP A 348 -23.60 16.40 26.70
N LYS A 349 -22.98 15.35 26.15
CA LYS A 349 -22.24 14.36 26.95
C LYS A 349 -21.00 14.97 27.61
N PRO A 350 -20.53 14.37 28.73
CA PRO A 350 -19.27 14.79 29.34
C PRO A 350 -18.13 14.86 28.32
N LEU A 351 -17.27 15.87 28.45
CA LEU A 351 -16.09 15.97 27.57
C LEU A 351 -14.80 15.77 28.36
N TYR A 352 -13.82 15.14 27.72
CA TYR A 352 -12.45 15.10 28.24
C TYR A 352 -11.48 15.62 27.20
N ILE A 353 -10.52 16.41 27.63
CA ILE A 353 -9.36 16.68 26.79
C ILE A 353 -8.43 15.47 26.97
N THR A 354 -8.41 14.57 26.00
CA THR A 354 -7.61 13.34 26.17
C THR A 354 -6.17 13.52 25.72
N GLU A 355 -5.90 14.65 25.04
CA GLU A 355 -4.53 15.08 24.71
C GLU A 355 -4.45 16.59 24.50
N ASN A 356 -3.44 17.20 25.10
CA ASN A 356 -2.98 18.55 24.76
C ASN A 356 -1.57 18.70 25.32
N GLY A 357 -0.71 19.36 24.56
CA GLY A 357 0.70 19.47 24.95
C GLY A 357 1.51 20.06 23.81
N ALA A 358 2.84 20.11 24.00
CA ALA A 358 3.68 20.78 23.04
C ALA A 358 5.12 20.27 23.04
N ALA A 359 5.74 20.30 21.86
CA ALA A 359 7.15 19.98 21.71
C ALA A 359 7.97 21.27 21.62
N PHE A 360 9.04 21.31 22.40
CA PHE A 360 10.00 22.40 22.35
C PHE A 360 11.40 21.80 22.38
N ASP A 361 12.41 22.61 22.10
CA ASP A 361 13.77 22.07 22.02
C ASP A 361 14.36 21.87 23.41
N ASP A 362 13.90 20.84 24.11
CA ASP A 362 14.32 20.59 25.50
C ASP A 362 15.80 20.24 25.62
N LYS A 363 16.46 20.90 26.57
CA LYS A 363 17.87 20.67 26.85
C LYS A 363 18.10 20.15 28.27
N LEU A 364 18.71 18.96 28.38
CA LEU A 364 19.07 18.39 29.68
C LEU A 364 20.35 19.04 30.19
N THR A 365 20.27 19.72 31.33
CA THR A 365 21.47 20.42 31.86
C THR A 365 22.38 19.48 32.64
N GLU A 366 23.56 19.99 32.97
CA GLU A 366 24.66 19.16 33.50
C GLU A 366 24.51 18.67 34.93
N GLU A 367 23.31 18.78 35.48
CA GLU A 367 22.80 17.66 36.27
C GLU A 367 21.30 17.75 36.33
N GLY A 368 20.71 17.06 35.37
CA GLY A 368 19.40 16.46 35.50
C GLY A 368 18.20 17.36 35.54
N LYS A 369 18.33 18.59 35.08
CA LYS A 369 17.15 19.44 35.02
C LYS A 369 16.83 19.91 33.61
N ILE A 370 15.58 20.28 33.39
CA ILE A 370 15.13 20.76 32.09
C ILE A 370 14.24 21.97 32.34
N HIS A 371 14.71 23.13 31.93
CA HIS A 371 13.99 24.36 32.22
C HIS A 371 13.07 24.73 31.07
N ASP A 372 12.00 23.95 30.92
CA ASP A 372 11.12 24.09 29.77
C ASP A 372 9.99 25.09 30.03
N GLU A 373 10.37 26.34 30.25
CA GLU A 373 9.38 27.37 30.59
C GLU A 373 8.36 27.56 29.48
N LYS A 374 8.77 27.35 28.24
CA LYS A 374 7.84 27.49 27.13
C LYS A 374 6.69 26.48 27.27
N ARG A 375 7.01 25.28 27.76
CA ARG A 375 5.97 24.26 27.95
C ARG A 375 5.05 24.65 29.12
N ILE A 376 5.64 25.23 30.17
CA ILE A 376 4.85 25.70 31.30
C ILE A 376 3.86 26.79 30.84
N ASN A 377 4.35 27.72 30.03
CA ASN A 377 3.51 28.81 29.54
C ASN A 377 2.42 28.30 28.59
N TYR A 378 2.78 27.31 27.78
CA TYR A 378 1.84 26.68 26.86
C TYR A 378 0.70 26.00 27.63
N LEU A 379 1.06 25.12 28.57
CA LEU A 379 0.03 24.37 29.29
C LEU A 379 -0.81 25.31 30.14
N GLY A 380 -0.15 26.24 30.82
CA GLY A 380 -0.85 27.19 31.66
C GLY A 380 -1.94 27.92 30.88
N ASP A 381 -1.58 28.42 29.70
CA ASP A 381 -2.52 29.20 28.88
C ASP A 381 -3.69 28.33 28.43
N HIS A 382 -3.42 27.07 28.13
CA HIS A 382 -4.48 26.16 27.71
C HIS A 382 -5.33 25.70 28.88
N PHE A 383 -4.73 25.49 30.06
CA PHE A 383 -5.53 25.17 31.24
C PHE A 383 -6.54 26.30 31.51
N LYS A 384 -6.11 27.54 31.31
CA LYS A 384 -6.98 28.69 31.57
C LYS A 384 -8.19 28.72 30.63
N GLN A 385 -7.97 28.33 29.38
CA GLN A 385 -9.09 28.27 28.44
C GLN A 385 -10.07 27.15 28.79
N ALA A 386 -9.54 26.02 29.27
CA ALA A 386 -10.39 24.91 29.75
C ALA A 386 -11.24 25.37 30.92
N TYR A 387 -10.66 26.18 31.78
CA TYR A 387 -11.38 26.71 32.93
C TYR A 387 -12.53 27.60 32.46
N LYS A 388 -12.24 28.46 31.50
CA LYS A 388 -13.23 29.36 30.92
C LYS A 388 -14.39 28.57 30.31
N ALA A 389 -14.09 27.46 29.63
CA ALA A 389 -15.12 26.62 29.05
C ALA A 389 -15.98 25.99 30.14
N LEU A 390 -15.30 25.51 31.18
CA LEU A 390 -15.97 24.98 32.36
C LEU A 390 -16.94 25.97 32.95
N LYS A 391 -16.45 27.19 33.19
CA LYS A 391 -17.22 28.25 33.82
C LYS A 391 -18.45 28.60 32.99
N ASP A 392 -18.31 28.50 31.68
CA ASP A 392 -19.39 28.81 30.75
C ASP A 392 -20.33 27.61 30.51
N GLY A 393 -20.16 26.55 31.30
CA GLY A 393 -21.12 25.44 31.29
C GLY A 393 -20.81 24.20 30.47
N VAL A 394 -19.63 24.12 29.89
CA VAL A 394 -19.21 22.89 29.22
C VAL A 394 -18.89 21.82 30.28
N PRO A 395 -19.46 20.60 30.14
CA PRO A 395 -19.24 19.52 31.10
C PRO A 395 -17.88 18.85 30.94
N LEU A 396 -16.83 19.62 31.16
CA LEU A 396 -15.47 19.11 31.03
C LEU A 396 -15.07 18.40 32.34
N ARG A 397 -14.67 17.13 32.24
CA ARG A 397 -14.42 16.32 33.44
C ARG A 397 -12.94 16.00 33.69
N GLY A 398 -12.11 16.24 32.70
CA GLY A 398 -10.73 15.80 32.80
C GLY A 398 -9.85 16.38 31.73
N TYR A 399 -8.54 16.33 31.96
CA TYR A 399 -7.57 16.96 31.09
C TYR A 399 -6.30 16.13 31.15
N TYR A 400 -5.94 15.48 30.04
CA TYR A 400 -4.72 14.65 30.01
C TYR A 400 -3.60 15.36 29.21
N VAL A 401 -2.47 15.60 29.85
CA VAL A 401 -1.35 16.18 29.14
C VAL A 401 -0.68 15.13 28.24
N TRP A 402 -0.49 15.48 26.97
CA TRP A 402 0.44 14.72 26.13
C TRP A 402 1.84 15.37 26.24
N SER A 403 2.86 14.66 26.75
CA SER A 403 2.78 13.25 27.19
C SER A 403 3.40 13.11 28.57
N LEU A 404 3.13 11.98 29.23
CA LEU A 404 3.79 11.71 30.51
C LEU A 404 5.31 11.77 30.33
N MET A 405 5.81 11.24 29.22
CA MET A 405 7.25 11.22 28.96
C MET A 405 7.58 11.42 27.48
N ASP A 406 8.80 11.89 27.20
CA ASP A 406 9.30 11.94 25.84
C ASP A 406 9.14 10.56 25.21
N ASN A 407 8.84 10.52 23.92
CA ASN A 407 8.66 9.25 23.25
C ASN A 407 8.88 9.32 21.74
N PHE A 408 8.54 8.22 21.08
CA PHE A 408 8.70 8.09 19.63
C PHE A 408 7.60 8.87 18.93
N GLU A 409 7.94 10.04 18.38
CA GLU A 409 6.94 10.92 17.75
C GLU A 409 6.76 10.55 16.29
N TRP A 410 6.38 9.29 16.07
CA TRP A 410 5.98 8.81 14.76
C TRP A 410 7.01 9.13 13.67
N ALA A 411 6.61 9.77 12.58
CA ALA A 411 7.54 9.97 11.46
C ALA A 411 8.74 10.84 11.85
N TYR A 412 8.61 11.57 12.96
CA TYR A 412 9.70 12.42 13.43
C TYR A 412 10.69 11.68 14.33
N GLY A 413 10.37 10.46 14.71
CA GLY A 413 11.22 9.71 15.64
C GLY A 413 11.39 10.41 16.97
N TYR A 414 12.58 10.30 17.55
CA TYR A 414 12.81 10.83 18.90
C TYR A 414 13.22 12.30 18.89
N SER A 415 13.21 12.92 17.71
CA SER A 415 13.64 14.30 17.56
C SER A 415 12.68 15.30 18.20
N LYS A 416 11.46 14.86 18.48
CA LYS A 416 10.47 15.76 19.07
C LYS A 416 10.06 15.28 20.45
N ARG A 417 10.27 16.14 21.46
CA ARG A 417 10.01 15.78 22.85
C ARG A 417 8.78 16.51 23.40
N PHE A 418 7.76 15.73 23.80
CA PHE A 418 6.48 16.24 24.30
C PHE A 418 6.32 16.02 25.81
N GLY A 419 7.25 15.31 26.42
CA GLY A 419 7.04 14.84 27.78
C GLY A 419 7.04 15.87 28.89
N LEU A 420 6.33 15.53 29.97
CA LEU A 420 6.58 16.16 31.27
C LEU A 420 7.90 15.67 31.85
N ILE A 421 8.27 14.47 31.43
CA ILE A 421 9.47 13.78 31.89
C ILE A 421 10.41 13.62 30.70
N TYR A 422 11.67 14.01 30.91
CA TYR A 422 12.71 13.86 29.89
C TYR A 422 13.22 12.42 29.91
N VAL A 423 13.34 11.78 28.74
CA VAL A 423 13.91 10.43 28.69
C VAL A 423 15.28 10.48 28.05
N ASP A 424 16.30 10.15 28.83
CA ASP A 424 17.69 10.16 28.40
C ASP A 424 17.99 8.79 27.79
N TYR A 425 17.56 8.61 26.55
CA TYR A 425 17.56 7.27 25.91
C TYR A 425 18.90 6.52 26.03
N GLU A 426 19.98 7.19 25.62
CA GLU A 426 21.32 6.61 25.56
C GLU A 426 21.97 6.29 26.92
N ASN A 427 21.43 6.86 27.99
CA ASN A 427 22.03 6.67 29.31
C ASN A 427 21.15 5.85 30.22
N GLY A 428 20.92 4.60 29.83
CA GLY A 428 20.15 3.66 30.62
C GLY A 428 18.68 4.00 30.60
N ASN A 429 18.27 4.79 29.62
CA ASN A 429 16.87 5.19 29.45
C ASN A 429 16.36 5.87 30.71
N ARG A 430 17.20 6.69 31.32
CA ARG A 430 16.84 7.23 32.62
C ARG A 430 15.89 8.39 32.44
N ARG A 431 15.07 8.59 33.46
CA ARG A 431 14.01 9.59 33.43
C ARG A 431 14.38 10.78 34.32
N PHE A 432 14.03 11.99 33.87
CA PHE A 432 14.23 13.22 34.64
C PHE A 432 12.96 14.05 34.64
N LEU A 433 12.48 14.48 35.80
CA LEU A 433 11.33 15.38 35.83
C LEU A 433 11.71 16.75 35.27
N LYS A 434 11.00 17.21 34.24
CA LYS A 434 11.21 18.56 33.72
C LYS A 434 10.57 19.55 34.68
N ASP A 435 10.92 20.83 34.55
CA ASP A 435 10.29 21.86 35.35
C ASP A 435 8.77 21.85 35.16
N SER A 436 8.33 21.52 33.95
CA SER A 436 6.87 21.46 33.69
C SER A 436 6.18 20.36 34.52
N ALA A 437 6.88 19.26 34.80
CA ALA A 437 6.35 18.24 35.71
C ALA A 437 6.24 18.75 37.15
N LEU A 438 7.23 19.53 37.58
CA LEU A 438 7.20 20.09 38.94
C LEU A 438 6.09 21.12 39.03
N TRP A 439 5.93 21.88 37.96
CA TRP A 439 4.83 22.84 37.82
C TRP A 439 3.43 22.19 37.85
N TYR A 440 3.27 21.14 37.05
CA TYR A 440 2.01 20.39 36.99
C TYR A 440 1.70 19.77 38.36
N ARG A 441 2.73 19.30 39.05
CA ARG A 441 2.56 18.80 40.40
C ARG A 441 1.91 19.85 41.31
N GLU A 442 2.41 21.10 41.27
CA GLU A 442 1.82 22.20 42.03
C GLU A 442 0.36 22.47 41.64
N VAL A 443 0.08 22.47 40.33
CA VAL A 443 -1.29 22.71 39.85
C VAL A 443 -2.28 21.69 40.40
N ILE A 444 -1.91 20.42 40.39
CA ILE A 444 -2.80 19.36 40.82
C ILE A 444 -3.02 19.36 42.35
N GLU A 445 -1.97 19.68 43.12
CA GLU A 445 -2.09 19.75 44.58
C GLU A 445 -3.19 20.72 44.96
N LYS A 446 -3.08 21.94 44.41
CA LYS A 446 -3.95 23.07 44.69
C LYS A 446 -5.26 23.05 43.90
N GLY A 447 -5.22 22.45 42.72
CA GLY A 447 -6.29 22.64 41.76
C GLY A 447 -6.34 24.08 41.30
N GLN A 448 -5.19 24.75 41.28
CA GLN A 448 -5.13 26.15 40.90
C GLN A 448 -3.97 26.49 39.97
N VAL A 449 -4.22 27.31 38.95
CA VAL A 449 -3.15 27.74 38.07
C VAL A 449 -2.72 29.15 38.41
N ILE B 5 19.63 -18.42 -43.59
CA ILE B 5 18.71 -18.51 -42.45
C ILE B 5 17.34 -19.03 -42.82
N ILE B 6 17.02 -20.24 -42.39
CA ILE B 6 15.70 -20.81 -42.67
C ILE B 6 15.11 -21.40 -41.40
N PHE B 7 14.07 -20.75 -40.87
CA PHE B 7 13.36 -21.25 -39.69
C PHE B 7 12.50 -22.44 -40.10
N PRO B 8 12.15 -23.31 -39.14
CA PRO B 8 11.24 -24.42 -39.48
C PRO B 8 9.94 -23.90 -40.09
N GLU B 9 9.40 -24.72 -40.98
CA GLU B 9 8.18 -24.43 -41.73
C GLU B 9 7.01 -24.01 -40.85
N ASP B 10 6.93 -24.63 -39.67
CA ASP B 10 5.85 -24.37 -38.73
C ASP B 10 6.30 -23.52 -37.52
N PHE B 11 7.35 -22.73 -37.66
CA PHE B 11 7.77 -21.84 -36.59
C PHE B 11 6.63 -20.86 -36.30
N ILE B 12 6.34 -20.66 -35.02
CA ILE B 12 5.20 -19.86 -34.62
C ILE B 12 5.59 -18.39 -34.48
N TRP B 13 5.50 -17.64 -35.58
CA TRP B 13 5.73 -16.18 -35.56
C TRP B 13 4.46 -15.46 -35.09
N GLY B 14 4.56 -14.65 -34.04
CA GLY B 14 3.38 -13.97 -33.53
C GLY B 14 3.62 -12.52 -33.16
N ALA B 15 2.61 -11.90 -32.57
CA ALA B 15 2.75 -10.59 -31.94
C ALA B 15 1.95 -10.61 -30.64
N ALA B 16 2.30 -9.73 -29.71
CA ALA B 16 1.72 -9.77 -28.38
C ALA B 16 1.15 -8.43 -27.94
N THR B 17 0.11 -8.50 -27.09
CA THR B 17 -0.47 -7.34 -26.42
C THR B 17 -0.88 -7.73 -24.99
N SER B 18 -1.45 -6.80 -24.24
CA SER B 18 -2.07 -7.12 -22.95
C SER B 18 -3.36 -6.30 -22.79
N SER B 19 -4.25 -6.77 -21.92
CA SER B 19 -5.61 -6.22 -21.82
C SER B 19 -5.62 -4.77 -21.40
N TYR B 20 -4.94 -4.43 -20.30
CA TYR B 20 -5.04 -3.04 -19.83
C TYR B 20 -4.36 -2.10 -20.81
N GLN B 21 -3.38 -2.59 -21.54
CA GLN B 21 -2.60 -1.73 -22.41
C GLN B 21 -3.30 -1.34 -23.72
N ILE B 22 -4.27 -2.14 -24.17
CA ILE B 22 -4.94 -1.84 -25.45
C ILE B 22 -6.47 -1.73 -25.43
N GLU B 23 -7.15 -2.31 -24.44
CA GLU B 23 -8.60 -2.51 -24.58
C GLU B 23 -9.47 -1.24 -24.46
N GLY B 24 -9.16 -0.39 -23.50
CA GLY B 24 -10.01 0.73 -23.16
C GLY B 24 -11.27 0.22 -22.50
N ALA B 25 -12.39 0.92 -22.71
CA ALA B 25 -13.68 0.51 -22.13
C ALA B 25 -13.51 0.12 -20.66
N PHE B 26 -12.84 0.99 -19.93
CA PHE B 26 -12.39 0.66 -18.57
C PHE B 26 -13.52 0.47 -17.54
N ASN B 27 -14.69 1.07 -17.78
CA ASN B 27 -15.81 0.89 -16.86
C ASN B 27 -17.11 0.56 -17.57
N GLU B 28 -16.99 -0.01 -18.76
CA GLU B 28 -18.14 -0.35 -19.60
C GLU B 28 -18.64 -1.76 -19.43
N ASP B 29 -19.92 -1.97 -19.74
CA ASP B 29 -20.51 -3.29 -19.88
C ASP B 29 -20.26 -4.18 -18.66
N GLY B 30 -20.34 -3.59 -17.47
CA GLY B 30 -20.27 -4.32 -16.22
C GLY B 30 -18.88 -4.63 -15.71
N LYS B 31 -17.86 -4.10 -16.39
CA LYS B 31 -16.49 -4.40 -15.96
C LYS B 31 -16.21 -3.81 -14.57
N GLY B 32 -15.50 -4.56 -13.74
CA GLY B 32 -15.08 -4.05 -12.44
C GLY B 32 -13.74 -3.31 -12.48
N GLU B 33 -13.53 -2.47 -11.48
CA GLU B 33 -12.30 -1.68 -11.38
C GLU B 33 -11.07 -2.55 -11.13
N SER B 34 -9.96 -2.24 -11.79
CA SER B 34 -8.71 -2.96 -11.52
C SER B 34 -7.73 -2.07 -10.77
N ILE B 35 -6.63 -2.65 -10.30
CA ILE B 35 -5.65 -1.85 -9.60
C ILE B 35 -4.96 -0.86 -10.55
N TRP B 36 -4.97 -1.14 -11.85
CA TRP B 36 -4.38 -0.19 -12.80
C TRP B 36 -5.32 0.98 -13.12
N ASP B 37 -6.64 0.74 -13.10
CA ASP B 37 -7.59 1.87 -13.12
C ASP B 37 -7.33 2.79 -11.94
N ARG B 38 -7.20 2.20 -10.75
CA ARG B 38 -6.98 2.97 -9.53
C ARG B 38 -5.65 3.72 -9.60
N PHE B 39 -4.61 3.05 -10.08
CA PHE B 39 -3.25 3.60 -10.08
C PHE B 39 -3.17 4.76 -11.07
N SER B 40 -3.65 4.56 -12.29
CA SER B 40 -3.55 5.59 -13.32
C SER B 40 -4.44 6.80 -13.00
N HIS B 41 -5.48 6.61 -12.21
CA HIS B 41 -6.32 7.72 -11.74
C HIS B 41 -5.77 8.39 -10.46
N THR B 42 -4.55 8.05 -10.08
CA THR B 42 -3.91 8.71 -8.94
C THR B 42 -2.88 9.70 -9.45
N PRO B 43 -3.00 10.97 -9.03
CA PRO B 43 -2.08 11.99 -9.57
C PRO B 43 -0.62 11.65 -9.30
N GLY B 44 0.23 11.84 -10.31
CA GLY B 44 1.66 11.69 -10.13
C GLY B 44 2.26 10.33 -10.47
N LYS B 45 1.41 9.36 -10.80
CA LYS B 45 1.89 8.00 -11.05
C LYS B 45 2.26 7.76 -12.52
N ILE B 46 1.55 8.39 -13.45
CA ILE B 46 1.83 8.17 -14.87
C ILE B 46 2.31 9.44 -15.58
N GLU B 47 3.30 9.27 -16.46
CA GLU B 47 3.78 10.39 -17.27
C GLU B 47 2.63 11.06 -18.02
N ASN B 48 2.62 12.40 -18.01
CA ASN B 48 1.61 13.22 -18.70
C ASN B 48 0.18 13.00 -18.21
N GLY B 49 0.04 12.34 -17.06
CA GLY B 49 -1.26 12.00 -16.53
C GLY B 49 -2.08 11.07 -17.41
N ASP B 50 -1.40 10.22 -18.20
CA ASP B 50 -2.08 9.28 -19.10
C ASP B 50 -2.82 8.18 -18.33
N THR B 51 -3.89 7.63 -18.92
CA THR B 51 -4.59 6.47 -18.34
C THR B 51 -4.93 5.44 -19.43
N GLY B 52 -5.31 4.24 -19.01
CA GLY B 52 -5.80 3.26 -19.96
C GLY B 52 -7.31 3.31 -20.16
N ASP B 53 -7.93 4.44 -19.82
CA ASP B 53 -9.38 4.57 -19.95
C ASP B 53 -9.87 4.22 -21.35
N ILE B 54 -9.13 4.65 -22.36
CA ILE B 54 -9.51 4.39 -23.75
C ILE B 54 -8.44 3.58 -24.47
N ALA B 55 -7.18 3.97 -24.31
CA ALA B 55 -6.06 3.26 -24.92
C ALA B 55 -6.28 3.12 -26.43
N CYS B 56 -6.09 1.93 -27.00
CA CYS B 56 -6.32 1.72 -28.43
C CYS B 56 -7.78 1.45 -28.79
N ASP B 57 -8.61 1.41 -27.74
CA ASP B 57 -10.04 1.11 -27.85
C ASP B 57 -10.28 -0.25 -28.54
N HIS B 58 -9.39 -1.20 -28.28
CA HIS B 58 -9.46 -2.53 -28.89
C HIS B 58 -10.76 -3.25 -28.51
N TYR B 59 -11.30 -2.94 -27.34
CA TYR B 59 -12.55 -3.58 -26.92
C TYR B 59 -13.67 -3.36 -27.95
N HIS B 60 -13.64 -2.22 -28.62
CA HIS B 60 -14.63 -1.93 -29.65
C HIS B 60 -14.12 -2.18 -31.08
N LEU B 61 -12.81 -2.07 -31.27
CA LEU B 61 -12.23 -2.13 -32.62
C LEU B 61 -11.56 -3.46 -32.98
N TYR B 62 -11.76 -4.50 -32.15
CA TYR B 62 -10.99 -5.74 -32.32
C TYR B 62 -11.13 -6.38 -33.69
N ARG B 63 -12.28 -6.18 -34.35
CA ARG B 63 -12.51 -6.78 -35.64
C ARG B 63 -11.57 -6.17 -36.68
N GLU B 64 -11.39 -4.86 -36.62
CA GLU B 64 -10.44 -4.17 -37.47
C GLU B 64 -9.02 -4.63 -37.19
N ASP B 65 -8.74 -4.93 -35.93
CA ASP B 65 -7.39 -5.31 -35.54
C ASP B 65 -7.03 -6.70 -36.04
N ILE B 66 -8.01 -7.60 -36.06
CA ILE B 66 -7.79 -8.92 -36.60
C ILE B 66 -7.55 -8.86 -38.11
N GLU B 67 -8.19 -7.92 -38.80
CA GLU B 67 -7.87 -7.72 -40.21
C GLU B 67 -6.41 -7.25 -40.39
N LEU B 68 -5.93 -6.36 -39.51
CA LEU B 68 -4.54 -5.93 -39.60
C LEU B 68 -3.56 -7.09 -39.26
N MET B 69 -3.95 -7.97 -38.36
CA MET B 69 -3.19 -9.20 -38.09
C MET B 69 -3.01 -10.07 -39.35
N LYS B 70 -4.08 -10.22 -40.13
CA LYS B 70 -4.00 -11.01 -41.36
C LYS B 70 -3.11 -10.33 -42.38
N GLU B 71 -3.09 -9.00 -42.38
CA GLU B 71 -2.23 -8.25 -43.29
C GLU B 71 -0.76 -8.49 -42.95
N ILE B 72 -0.45 -8.56 -41.67
CA ILE B 72 0.93 -8.83 -41.24
C ILE B 72 1.26 -10.31 -41.48
N GLY B 73 0.28 -11.19 -41.31
CA GLY B 73 0.47 -12.61 -41.53
C GLY B 73 0.91 -13.39 -40.30
N ILE B 74 0.72 -12.85 -39.10
CA ILE B 74 1.13 -13.58 -37.90
C ILE B 74 0.40 -14.92 -37.79
N ARG B 75 1.10 -15.94 -37.33
CA ARG B 75 0.53 -17.27 -37.21
C ARG B 75 -0.19 -17.44 -35.88
N SER B 76 0.15 -16.59 -34.92
CA SER B 76 -0.39 -16.68 -33.58
C SER B 76 -0.48 -15.31 -32.96
N TYR B 77 -1.45 -15.13 -32.06
CA TYR B 77 -1.64 -13.85 -31.41
C TYR B 77 -1.68 -14.05 -29.90
N ARG B 78 -0.74 -13.43 -29.18
CA ARG B 78 -0.71 -13.54 -27.72
C ARG B 78 -1.38 -12.32 -27.08
N PHE B 79 -2.44 -12.58 -26.30
CA PHE B 79 -3.16 -11.51 -25.62
C PHE B 79 -3.45 -11.93 -24.18
N SER B 80 -3.85 -10.98 -23.35
CA SER B 80 -4.25 -11.31 -21.98
C SER B 80 -5.72 -11.01 -21.77
N THR B 81 -6.31 -11.70 -20.80
CA THR B 81 -7.73 -11.53 -20.51
C THR B 81 -7.85 -10.78 -19.18
N SER B 82 -8.81 -9.85 -19.11
CA SER B 82 -8.97 -9.00 -17.94
C SER B 82 -9.81 -9.69 -16.88
N TRP B 83 -9.16 -10.11 -15.81
CA TRP B 83 -9.84 -10.73 -14.67
C TRP B 83 -11.05 -9.89 -14.19
N PRO B 84 -10.86 -8.57 -13.92
CA PRO B 84 -12.07 -7.86 -13.44
C PRO B 84 -13.11 -7.57 -14.53
N ARG B 85 -12.77 -7.68 -15.81
CA ARG B 85 -13.82 -7.58 -16.83
C ARG B 85 -14.72 -8.82 -16.79
N ILE B 86 -14.14 -9.94 -16.38
CA ILE B 86 -14.84 -11.23 -16.39
C ILE B 86 -15.48 -11.54 -15.03
N LEU B 87 -14.78 -11.18 -13.96
CA LEU B 87 -15.28 -11.34 -12.60
C LEU B 87 -15.11 -10.03 -11.85
N PRO B 88 -16.13 -9.16 -11.89
CA PRO B 88 -15.94 -7.78 -11.41
C PRO B 88 -15.48 -7.73 -9.96
N GLU B 89 -15.89 -8.70 -9.14
CA GLU B 89 -15.48 -8.73 -7.72
C GLU B 89 -14.27 -9.64 -7.50
N GLY B 90 -13.74 -10.18 -8.59
CA GLY B 90 -12.60 -11.08 -8.51
C GLY B 90 -12.98 -12.53 -8.26
N LYS B 91 -14.21 -12.75 -7.82
CA LYS B 91 -14.73 -14.09 -7.57
C LYS B 91 -16.24 -14.05 -7.67
N GLY B 92 -16.87 -15.20 -7.80
CA GLY B 92 -18.32 -15.26 -7.77
C GLY B 92 -19.02 -14.98 -9.09
N ARG B 93 -19.82 -13.92 -9.13
CA ARG B 93 -20.65 -13.66 -10.30
C ARG B 93 -19.81 -13.31 -11.54
N VAL B 94 -20.17 -13.91 -12.67
CA VAL B 94 -19.50 -13.67 -13.94
C VAL B 94 -20.19 -12.56 -14.71
N ASN B 95 -19.41 -11.58 -15.17
CA ASN B 95 -19.92 -10.51 -16.03
C ASN B 95 -20.09 -11.04 -17.44
N GLN B 96 -21.30 -11.41 -17.85
CA GLN B 96 -21.43 -12.12 -19.11
C GLN B 96 -21.02 -11.28 -20.33
N LYS B 97 -21.33 -9.99 -20.33
CA LYS B 97 -20.89 -9.17 -21.46
C LYS B 97 -19.36 -9.13 -21.56
N GLY B 98 -18.68 -9.12 -20.41
CA GLY B 98 -17.22 -9.17 -20.43
C GLY B 98 -16.69 -10.45 -21.05
N LEU B 99 -17.18 -11.59 -20.57
CA LEU B 99 -16.74 -12.88 -21.07
C LEU B 99 -17.11 -13.05 -22.54
N ASP B 100 -18.27 -12.54 -22.93
CA ASP B 100 -18.74 -12.60 -24.32
C ASP B 100 -17.79 -11.89 -25.28
N PHE B 101 -17.17 -10.79 -24.81
CA PHE B 101 -16.17 -10.09 -25.63
C PHE B 101 -15.02 -11.03 -26.00
N TYR B 102 -14.53 -11.79 -25.02
CA TYR B 102 -13.40 -12.70 -25.30
C TYR B 102 -13.86 -13.89 -26.14
N LYS B 103 -15.11 -14.30 -25.95
CA LYS B 103 -15.70 -15.32 -26.83
C LYS B 103 -15.73 -14.86 -28.31
N ARG B 104 -16.20 -13.65 -28.55
CA ARG B 104 -16.23 -13.11 -29.92
C ARG B 104 -14.80 -12.99 -30.46
N LEU B 105 -13.87 -12.54 -29.61
CA LEU B 105 -12.51 -12.30 -30.06
C LEU B 105 -11.88 -13.62 -30.53
N VAL B 106 -11.95 -14.64 -29.67
CA VAL B 106 -11.37 -15.95 -29.99
C VAL B 106 -12.05 -16.57 -31.23
N ASP B 107 -13.36 -16.44 -31.34
CA ASP B 107 -14.05 -16.93 -32.53
C ASP B 107 -13.54 -16.25 -33.81
N ASN B 108 -13.32 -14.93 -33.75
CA ASN B 108 -12.82 -14.20 -34.92
C ASN B 108 -11.37 -14.58 -35.27
N LEU B 109 -10.53 -14.73 -34.24
CA LEU B 109 -9.16 -15.21 -34.41
C LEU B 109 -9.09 -16.58 -35.09
N LEU B 110 -9.95 -17.49 -34.66
CA LEU B 110 -9.98 -18.83 -35.23
C LEU B 110 -10.47 -18.79 -36.69
N LYS B 111 -11.52 -18.02 -36.93
CA LYS B 111 -11.98 -17.87 -38.31
C LYS B 111 -10.88 -17.27 -39.21
N ALA B 112 -9.94 -16.56 -38.60
CA ALA B 112 -8.87 -15.91 -39.36
C ALA B 112 -7.62 -16.80 -39.45
N ASN B 113 -7.72 -18.00 -38.90
CA ASN B 113 -6.61 -18.97 -38.88
C ASN B 113 -5.41 -18.43 -38.11
N ILE B 114 -5.68 -17.73 -37.01
CA ILE B 114 -4.64 -17.23 -36.13
C ILE B 114 -4.79 -17.91 -34.78
N ARG B 115 -3.74 -18.58 -34.33
CA ARG B 115 -3.76 -19.35 -33.09
C ARG B 115 -3.69 -18.47 -31.86
N PRO B 116 -4.73 -18.51 -31.01
CA PRO B 116 -4.65 -17.71 -29.77
C PRO B 116 -3.69 -18.28 -28.73
N MET B 117 -2.95 -17.38 -28.07
CA MET B 117 -2.28 -17.71 -26.79
C MET B 117 -2.85 -16.77 -25.73
N ILE B 118 -3.46 -17.33 -24.69
CA ILE B 118 -4.03 -16.50 -23.62
C ILE B 118 -3.11 -16.42 -22.41
N THR B 119 -2.75 -15.19 -22.04
CA THR B 119 -2.14 -14.89 -20.75
C THR B 119 -3.28 -14.59 -19.76
N LEU B 120 -3.40 -15.36 -18.69
CA LEU B 120 -4.49 -15.11 -17.73
C LEU B 120 -4.24 -13.88 -16.87
N TYR B 121 -3.00 -13.69 -16.42
CA TYR B 121 -2.71 -12.55 -15.55
C TYR B 121 -1.59 -11.68 -16.09
N HIS B 122 -1.98 -10.51 -16.60
CA HIS B 122 -1.00 -9.54 -17.08
C HIS B 122 -1.24 -8.20 -16.37
N TRP B 123 -1.37 -8.32 -15.04
CA TRP B 123 -1.11 -7.27 -14.04
C TRP B 123 -2.37 -6.57 -13.55
N ASP B 124 -3.52 -6.83 -14.19
CA ASP B 124 -4.73 -6.07 -13.85
C ASP B 124 -5.60 -6.79 -12.80
N LEU B 125 -5.06 -6.95 -11.60
CA LEU B 125 -5.83 -7.49 -10.48
C LEU B 125 -7.09 -6.69 -10.21
N PRO B 126 -8.21 -7.39 -9.98
CA PRO B 126 -9.44 -6.71 -9.51
C PRO B 126 -9.19 -5.89 -8.23
N GLN B 127 -9.56 -4.61 -8.25
CA GLN B 127 -9.42 -3.74 -7.06
C GLN B 127 -10.14 -4.32 -5.84
N ALA B 128 -11.24 -5.02 -6.06
CA ALA B 128 -11.94 -5.67 -4.94
C ALA B 128 -11.04 -6.67 -4.19
N LEU B 129 -10.13 -7.34 -4.90
CA LEU B 129 -9.22 -8.26 -4.21
C LEU B 129 -8.05 -7.50 -3.57
N GLN B 130 -7.63 -6.41 -4.20
CA GLN B 130 -6.60 -5.55 -3.59
C GLN B 130 -7.07 -4.99 -2.25
N ASP B 131 -8.36 -4.69 -2.14
CA ASP B 131 -8.90 -4.18 -0.89
C ASP B 131 -8.90 -5.20 0.25
N LYS B 132 -8.71 -6.48 -0.10
CA LYS B 132 -8.54 -7.54 0.86
C LYS B 132 -7.06 -7.96 0.91
N GLY B 133 -6.17 -7.04 0.56
CA GLY B 133 -4.73 -7.28 0.68
C GLY B 133 -4.03 -7.70 -0.60
N GLY B 134 -4.81 -7.93 -1.66
CA GLY B 134 -4.27 -8.34 -2.94
C GLY B 134 -3.37 -9.57 -2.83
N TRP B 135 -2.18 -9.50 -3.42
CA TRP B 135 -1.32 -10.68 -3.45
C TRP B 135 -0.60 -11.04 -2.15
N THR B 136 -0.82 -10.32 -1.05
CA THR B 136 -0.28 -10.82 0.24
C THR B 136 -1.30 -11.68 0.97
N ASN B 137 -2.50 -11.79 0.39
CA ASN B 137 -3.55 -12.65 0.93
C ASN B 137 -3.57 -13.97 0.13
N ARG B 138 -3.34 -15.10 0.79
CA ARG B 138 -3.33 -16.41 0.10
C ARG B 138 -4.60 -16.68 -0.69
N ASP B 139 -5.73 -16.13 -0.23
CA ASP B 139 -7.00 -16.32 -0.92
C ASP B 139 -6.98 -15.76 -2.33
N THR B 140 -6.09 -14.82 -2.60
CA THR B 140 -5.98 -14.27 -3.96
C THR B 140 -5.47 -15.33 -4.91
N ALA B 141 -4.58 -16.19 -4.41
CA ALA B 141 -4.07 -17.30 -5.20
C ALA B 141 -5.19 -18.30 -5.50
N LYS B 142 -6.03 -18.57 -4.50
CA LYS B 142 -7.20 -19.41 -4.66
C LYS B 142 -8.17 -18.87 -5.70
N TYR B 143 -8.42 -17.57 -5.63
CA TYR B 143 -9.39 -16.97 -6.54
C TYR B 143 -8.81 -16.90 -7.96
N PHE B 144 -7.49 -16.74 -8.07
CA PHE B 144 -6.86 -16.81 -9.38
C PHE B 144 -7.08 -18.18 -10.00
N ALA B 145 -6.95 -19.21 -9.17
CA ALA B 145 -7.17 -20.59 -9.62
C ALA B 145 -8.61 -20.82 -10.10
N GLU B 146 -9.58 -20.27 -9.37
CA GLU B 146 -10.98 -20.42 -9.78
C GLU B 146 -11.26 -19.69 -11.10
N TYR B 147 -10.60 -18.55 -11.28
CA TYR B 147 -10.69 -17.77 -12.51
C TYR B 147 -10.09 -18.53 -13.69
N ALA B 148 -8.96 -19.18 -13.46
CA ALA B 148 -8.36 -20.04 -14.47
C ALA B 148 -9.32 -21.17 -14.88
N ARG B 149 -9.92 -21.82 -13.89
CA ARG B 149 -10.84 -22.92 -14.13
C ARG B 149 -11.99 -22.48 -15.03
N LEU B 150 -12.52 -21.29 -14.75
CA LEU B 150 -13.59 -20.72 -15.58
C LEU B 150 -13.16 -20.57 -17.04
N MET B 151 -12.00 -19.96 -17.25
CA MET B 151 -11.49 -19.74 -18.60
C MET B 151 -11.19 -21.06 -19.32
N PHE B 152 -10.60 -22.00 -18.59
CA PHE B 152 -10.29 -23.31 -19.17
C PHE B 152 -11.57 -23.99 -19.66
N GLU B 153 -12.62 -23.96 -18.83
CA GLU B 153 -13.90 -24.56 -19.17
C GLU B 153 -14.55 -23.87 -20.37
N GLU B 154 -14.55 -22.54 -20.37
CA GLU B 154 -15.19 -21.79 -21.44
C GLU B 154 -14.48 -21.95 -22.78
N PHE B 155 -13.15 -22.08 -22.76
CA PHE B 155 -12.41 -22.12 -24.02
C PHE B 155 -11.79 -23.48 -24.29
N ASN B 156 -12.32 -24.52 -23.64
CA ASN B 156 -11.90 -25.88 -23.92
C ASN B 156 -12.06 -26.21 -25.40
N GLY B 157 -10.96 -26.59 -26.05
CA GLY B 157 -10.96 -26.93 -27.47
C GLY B 157 -11.04 -25.71 -28.37
N LEU B 158 -10.91 -24.53 -27.79
CA LEU B 158 -10.90 -23.28 -28.55
C LEU B 158 -9.54 -22.59 -28.44
N VAL B 159 -8.94 -22.66 -27.26
CA VAL B 159 -7.61 -22.11 -27.03
C VAL B 159 -6.68 -23.22 -26.54
N ASP B 160 -5.54 -23.42 -27.21
CA ASP B 160 -4.63 -24.49 -26.81
C ASP B 160 -3.23 -24.01 -26.37
N LEU B 161 -3.06 -22.69 -26.26
CA LEU B 161 -1.83 -22.15 -25.67
C LEU B 161 -2.20 -21.24 -24.52
N TRP B 162 -1.73 -21.58 -23.33
CA TRP B 162 -2.08 -20.84 -22.12
C TRP B 162 -0.86 -20.45 -21.31
N VAL B 163 -0.88 -19.23 -20.80
CA VAL B 163 0.17 -18.73 -19.91
C VAL B 163 -0.51 -18.24 -18.64
N THR B 164 -0.10 -18.75 -17.48
CA THR B 164 -0.71 -18.34 -16.22
C THR B 164 -0.41 -16.88 -15.90
N HIS B 165 0.88 -16.58 -15.81
CA HIS B 165 1.35 -15.28 -15.34
C HIS B 165 2.34 -14.64 -16.32
N ASN B 166 2.25 -13.32 -16.42
CA ASN B 166 3.27 -12.53 -17.11
C ASN B 166 4.17 -11.83 -16.10
N GLU B 167 5.44 -12.20 -16.08
CA GLU B 167 6.49 -11.46 -15.33
C GLU B 167 6.17 -11.24 -13.86
N PRO B 168 6.05 -12.32 -13.10
CA PRO B 168 5.85 -12.23 -11.65
C PRO B 168 6.89 -11.33 -10.93
N TRP B 169 8.14 -11.29 -11.42
CA TRP B 169 9.13 -10.41 -10.80
C TRP B 169 8.67 -8.95 -10.84
N VAL B 170 8.21 -8.52 -12.00
CA VAL B 170 7.78 -7.13 -12.17
C VAL B 170 6.58 -6.84 -11.29
N VAL B 171 5.56 -7.70 -11.39
CA VAL B 171 4.41 -7.60 -10.51
C VAL B 171 4.80 -7.46 -9.05
N ALA B 172 5.71 -8.33 -8.60
CA ALA B 172 6.13 -8.31 -7.19
C ALA B 172 6.92 -7.05 -6.85
N PHE B 173 7.99 -6.78 -7.59
CA PHE B 173 8.95 -5.76 -7.14
C PHE B 173 8.62 -4.33 -7.60
N GLU B 174 8.22 -4.15 -8.85
N GLU B 174 8.20 -4.17 -8.85
CA GLU B 174 7.87 -2.81 -9.32
CA GLU B 174 7.87 -2.82 -9.34
C GLU B 174 6.52 -2.43 -8.73
C GLU B 174 6.49 -2.42 -8.84
N GLY B 175 5.67 -3.41 -8.53
CA GLY B 175 4.35 -3.17 -7.97
C GLY B 175 4.31 -2.96 -6.46
N HIS B 176 5.19 -3.65 -5.72
CA HIS B 176 5.11 -3.62 -4.26
C HIS B 176 6.41 -3.25 -3.54
N ALA B 177 7.55 -3.27 -4.22
CA ALA B 177 8.79 -2.84 -3.55
C ALA B 177 9.22 -1.43 -3.92
N PHE B 178 9.08 -1.07 -5.20
CA PHE B 178 9.48 0.26 -5.64
C PHE B 178 8.30 1.16 -6.00
N GLY B 179 7.10 0.57 -6.07
CA GLY B 179 5.88 1.33 -6.26
C GLY B 179 5.77 2.10 -7.56
N ASN B 180 6.54 1.71 -8.57
CA ASN B 180 6.42 2.31 -9.92
C ASN B 180 5.19 1.82 -10.66
N HIS B 181 4.74 0.60 -10.31
CA HIS B 181 3.55 -0.01 -10.90
C HIS B 181 2.45 -0.19 -9.86
N ALA B 182 1.20 -0.37 -10.32
CA ALA B 182 0.09 -0.74 -9.43
C ALA B 182 0.44 -2.00 -8.63
N PRO B 183 -0.01 -2.07 -7.38
CA PRO B 183 -0.84 -1.11 -6.63
C PRO B 183 -0.09 0.10 -6.06
N GLY B 184 1.23 0.13 -6.22
CA GLY B 184 2.00 1.31 -5.83
C GLY B 184 2.70 1.26 -4.48
N THR B 185 2.77 0.08 -3.87
CA THR B 185 3.38 -0.11 -2.53
C THR B 185 4.91 -0.04 -2.58
N LYS B 186 5.56 0.35 -1.47
CA LYS B 186 7.02 0.41 -1.44
C LYS B 186 7.58 -0.30 -0.20
N ASP B 187 7.51 -1.63 -0.21
CA ASP B 187 7.87 -2.44 0.94
C ASP B 187 8.43 -3.77 0.44
N PHE B 188 9.75 -3.94 0.53
CA PHE B 188 10.41 -5.07 -0.08
C PHE B 188 9.92 -6.40 0.51
N LYS B 189 9.65 -6.43 1.81
CA LYS B 189 9.10 -7.63 2.46
C LYS B 189 7.76 -8.00 1.85
N THR B 190 6.95 -6.99 1.55
CA THR B 190 5.68 -7.24 0.88
C THR B 190 5.92 -7.89 -0.47
N ALA B 191 6.92 -7.39 -1.21
CA ALA B 191 7.22 -7.94 -2.53
C ALA B 191 7.61 -9.41 -2.48
N LEU B 192 8.39 -9.79 -1.48
CA LEU B 192 8.80 -11.20 -1.39
C LEU B 192 7.58 -12.09 -1.14
N GLN B 193 6.68 -11.62 -0.29
CA GLN B 193 5.47 -12.39 0.02
C GLN B 193 4.58 -12.50 -1.22
N VAL B 194 4.48 -11.39 -1.95
CA VAL B 194 3.74 -11.37 -3.21
C VAL B 194 4.31 -12.37 -4.23
N ALA B 195 5.64 -12.35 -4.41
CA ALA B 195 6.29 -13.28 -5.35
C ALA B 195 5.93 -14.73 -5.04
N HIS B 196 5.95 -15.10 -3.77
CA HIS B 196 5.65 -16.48 -3.39
C HIS B 196 4.20 -16.84 -3.73
N HIS B 197 3.27 -15.90 -3.54
CA HIS B 197 1.87 -16.17 -3.87
C HIS B 197 1.60 -16.15 -5.38
N LEU B 198 2.34 -15.34 -6.14
CA LEU B 198 2.21 -15.42 -7.60
C LEU B 198 2.61 -16.82 -8.06
N LEU B 199 3.75 -17.29 -7.53
CA LEU B 199 4.24 -18.61 -7.90
C LEU B 199 3.26 -19.71 -7.51
N LEU B 200 2.71 -19.59 -6.29
CA LEU B 200 1.76 -20.56 -5.78
C LEU B 200 0.51 -20.63 -6.67
N SER B 201 -0.07 -19.47 -6.98
CA SER B 201 -1.27 -19.44 -7.84
C SER B 201 -1.03 -20.04 -9.23
N HIS B 202 0.19 -19.90 -9.75
CA HIS B 202 0.55 -20.51 -11.02
C HIS B 202 0.40 -22.03 -10.90
N GLY B 203 1.00 -22.60 -9.88
CA GLY B 203 0.94 -24.05 -9.71
C GLY B 203 -0.49 -24.51 -9.50
N MET B 204 -1.26 -23.72 -8.74
CA MET B 204 -2.65 -24.07 -8.48
C MET B 204 -3.46 -24.11 -9.77
N ALA B 205 -3.16 -23.19 -10.68
CA ALA B 205 -3.87 -23.20 -11.97
C ALA B 205 -3.43 -24.37 -12.86
N VAL B 206 -2.15 -24.72 -12.84
CA VAL B 206 -1.67 -25.87 -13.59
C VAL B 206 -2.39 -27.15 -13.14
N ASP B 207 -2.57 -27.31 -11.83
CA ASP B 207 -3.29 -28.46 -11.31
C ASP B 207 -4.69 -28.54 -11.90
N ILE B 208 -5.35 -27.39 -11.97
CA ILE B 208 -6.71 -27.34 -12.47
C ILE B 208 -6.75 -27.59 -13.97
N PHE B 209 -5.73 -27.10 -14.67
CA PHE B 209 -5.59 -27.33 -16.11
C PHE B 209 -5.50 -28.84 -16.43
N ARG B 210 -4.69 -29.56 -15.65
CA ARG B 210 -4.57 -31.01 -15.81
C ARG B 210 -5.90 -31.72 -15.51
N GLU B 211 -6.57 -31.32 -14.43
CA GLU B 211 -7.80 -31.99 -14.01
C GLU B 211 -8.89 -31.84 -15.07
N GLU B 212 -8.99 -30.64 -15.64
CA GLU B 212 -10.02 -30.34 -16.62
C GLU B 212 -9.80 -31.09 -17.93
N ASP B 213 -8.57 -31.57 -18.14
CA ASP B 213 -8.19 -32.36 -19.30
C ASP B 213 -8.40 -31.64 -20.65
N LEU B 214 -8.21 -30.32 -20.66
CA LEU B 214 -8.19 -29.56 -21.91
C LEU B 214 -7.11 -30.08 -22.86
N PRO B 215 -7.43 -30.10 -24.16
CA PRO B 215 -6.36 -30.22 -25.16
C PRO B 215 -5.47 -28.98 -25.08
N GLY B 216 -4.18 -29.15 -25.33
CA GLY B 216 -3.29 -28.01 -25.38
C GLY B 216 -2.22 -27.98 -24.31
N GLU B 217 -1.60 -26.83 -24.16
CA GLU B 217 -0.40 -26.68 -23.35
C GLU B 217 -0.48 -25.48 -22.43
N ILE B 218 0.18 -25.57 -21.29
CA ILE B 218 0.18 -24.47 -20.32
C ILE B 218 1.61 -24.17 -19.90
N GLY B 219 1.90 -22.89 -19.69
CA GLY B 219 3.22 -22.42 -19.31
C GLY B 219 3.17 -21.18 -18.42
N ILE B 220 4.34 -20.59 -18.17
CA ILE B 220 4.42 -19.33 -17.44
C ILE B 220 5.38 -18.44 -18.21
N THR B 221 5.22 -17.13 -18.08
CA THR B 221 6.12 -16.20 -18.78
C THR B 221 6.96 -15.43 -17.79
N LEU B 222 8.27 -15.51 -17.94
CA LEU B 222 9.20 -14.79 -17.07
C LEU B 222 9.97 -13.76 -17.85
N ASN B 223 10.13 -12.56 -17.29
CA ASN B 223 11.14 -11.65 -17.82
C ASN B 223 12.50 -12.13 -17.35
N LEU B 224 13.43 -12.28 -18.27
CA LEU B 224 14.80 -12.67 -17.92
C LEU B 224 15.78 -11.62 -18.41
N THR B 225 16.67 -11.19 -17.52
CA THR B 225 17.73 -10.24 -17.84
C THR B 225 19.08 -10.82 -17.47
N PRO B 226 19.86 -11.26 -18.48
CA PRO B 226 21.16 -11.84 -18.13
C PRO B 226 22.11 -10.79 -17.59
N ALA B 227 22.92 -11.17 -16.59
CA ALA B 227 23.86 -10.26 -15.97
C ALA B 227 25.29 -10.56 -16.41
N TYR B 228 26.08 -9.52 -16.61
CA TYR B 228 27.50 -9.67 -16.97
C TYR B 228 28.38 -8.80 -16.08
N PRO B 229 29.49 -9.37 -15.63
CA PRO B 229 30.43 -8.63 -14.80
C PRO B 229 31.01 -7.48 -15.55
N ALA B 230 31.16 -6.37 -14.89
CA ALA B 230 31.68 -5.17 -15.51
C ALA B 230 33.11 -5.29 -15.93
N GLY B 231 33.83 -5.98 -15.08
CA GLY B 231 35.24 -6.20 -15.23
C GLY B 231 35.44 -7.58 -14.73
N ASP B 232 36.54 -8.19 -15.09
CA ASP B 232 36.76 -9.49 -14.52
C ASP B 232 37.55 -9.26 -13.28
N SER B 233 36.88 -9.26 -12.13
CA SER B 233 37.52 -8.96 -10.86
C SER B 233 37.16 -9.85 -9.72
N GLU B 234 36.64 -11.03 -10.00
CA GLU B 234 36.24 -11.92 -8.93
C GLU B 234 35.01 -11.33 -8.25
N LYS B 235 35.17 -10.16 -7.67
CA LYS B 235 34.11 -9.50 -6.93
C LYS B 235 32.95 -9.13 -7.86
N ASP B 236 33.29 -8.71 -9.04
CA ASP B 236 32.30 -8.40 -10.03
C ASP B 236 31.49 -9.65 -10.36
N VAL B 237 32.12 -10.80 -10.46
CA VAL B 237 31.45 -12.04 -10.84
C VAL B 237 30.36 -12.40 -9.81
N LYS B 238 30.69 -12.25 -8.53
CA LYS B 238 29.73 -12.60 -7.50
C LYS B 238 28.59 -11.58 -7.44
N ALA B 239 28.89 -10.31 -7.69
CA ALA B 239 27.87 -9.27 -7.72
C ALA B 239 26.91 -9.47 -8.89
N ALA B 240 27.46 -9.84 -10.04
CA ALA B 240 26.65 -10.15 -11.21
C ALA B 240 25.75 -11.36 -10.96
N SER B 241 26.30 -12.37 -10.29
CA SER B 241 25.54 -13.58 -9.99
C SER B 241 24.36 -13.31 -9.07
N LEU B 242 24.58 -12.49 -8.04
CA LEU B 242 23.51 -12.10 -7.11
C LEU B 242 22.36 -11.34 -7.80
N LEU B 243 22.69 -10.39 -8.68
CA LEU B 243 21.65 -9.69 -9.41
C LEU B 243 20.93 -10.62 -10.39
N ASP B 244 21.67 -11.58 -10.95
CA ASP B 244 21.06 -12.57 -11.84
C ASP B 244 20.05 -13.42 -11.07
N ASP B 245 20.42 -13.81 -9.85
CA ASP B 245 19.52 -14.59 -9.00
C ASP B 245 18.31 -13.75 -8.58
N TYR B 246 18.54 -12.45 -8.35
CA TYR B 246 17.50 -11.48 -7.97
C TYR B 246 16.34 -11.45 -8.94
N ILE B 247 16.65 -11.45 -10.24
CA ILE B 247 15.63 -11.36 -11.29
C ILE B 247 15.25 -12.70 -11.90
N ASN B 248 16.24 -13.55 -12.15
CA ASN B 248 16.00 -14.75 -12.96
C ASN B 248 15.81 -16.01 -12.11
N ALA B 249 16.87 -16.42 -11.41
CA ALA B 249 16.83 -17.64 -10.61
C ALA B 249 15.74 -17.63 -9.54
N TRP B 250 15.36 -16.43 -9.07
CA TRP B 250 14.36 -16.36 -8.01
C TRP B 250 13.05 -16.96 -8.44
N PHE B 251 12.80 -16.96 -9.75
CA PHE B 251 11.58 -17.55 -10.30
C PHE B 251 11.85 -18.81 -11.11
N LEU B 252 13.03 -18.90 -11.73
CA LEU B 252 13.38 -20.11 -12.49
C LEU B 252 13.57 -21.34 -11.60
N SER B 253 14.19 -21.15 -10.44
CA SER B 253 14.48 -22.28 -9.60
C SER B 253 13.23 -22.84 -8.90
N PRO B 254 12.34 -21.97 -8.37
CA PRO B 254 11.12 -22.56 -7.82
C PRO B 254 10.29 -23.33 -8.84
N VAL B 255 10.18 -22.81 -10.05
CA VAL B 255 9.36 -23.46 -11.07
C VAL B 255 9.95 -24.77 -11.56
N PHE B 256 11.27 -24.79 -11.80
CA PHE B 256 11.88 -25.98 -12.39
C PHE B 256 12.69 -26.85 -11.43
N LYS B 257 13.02 -26.34 -10.25
CA LYS B 257 13.79 -27.15 -9.30
C LYS B 257 13.08 -27.30 -7.96
N GLY B 258 11.97 -26.61 -7.78
CA GLY B 258 11.24 -26.65 -6.53
C GLY B 258 11.95 -26.02 -5.33
N SER B 259 12.81 -25.04 -5.58
CA SER B 259 13.46 -24.31 -4.50
C SER B 259 13.90 -22.91 -4.90
N TYR B 260 13.84 -21.99 -3.94
CA TYR B 260 14.44 -20.68 -4.10
C TYR B 260 15.97 -20.81 -4.09
N PRO B 261 16.66 -19.93 -4.82
CA PRO B 261 18.13 -19.92 -4.80
C PRO B 261 18.67 -19.71 -3.39
N GLU B 262 19.53 -20.62 -2.93
CA GLU B 262 19.89 -20.72 -1.52
C GLU B 262 20.56 -19.48 -0.94
N GLU B 263 21.57 -18.95 -1.63
CA GLU B 263 22.30 -17.81 -1.06
C GLU B 263 21.41 -16.59 -0.91
N LEU B 264 20.74 -16.21 -1.99
CA LEU B 264 19.85 -15.05 -1.98
C LEU B 264 18.74 -15.23 -0.95
N HIS B 265 18.23 -16.45 -0.84
CA HIS B 265 17.16 -16.73 0.12
C HIS B 265 17.66 -16.45 1.53
N HIS B 266 18.87 -16.94 1.83
CA HIS B 266 19.48 -16.73 3.14
C HIS B 266 19.69 -15.23 3.41
N ILE B 267 20.15 -14.50 2.40
CA ILE B 267 20.43 -13.07 2.55
C ILE B 267 19.16 -12.27 2.87
N TYR B 268 18.08 -12.57 2.16
CA TYR B 268 16.78 -11.98 2.42
C TYR B 268 16.31 -12.26 3.84
N GLU B 269 16.34 -13.53 4.22
CA GLU B 269 15.78 -13.94 5.52
C GLU B 269 16.53 -13.26 6.67
N GLN B 270 17.84 -13.15 6.51
CA GLN B 270 18.68 -12.59 7.57
C GLN B 270 18.41 -11.11 7.80
N ASN B 271 18.10 -10.38 6.74
CA ASN B 271 18.02 -8.93 6.84
C ASN B 271 16.59 -8.45 6.92
N LEU B 272 15.64 -9.30 6.53
CA LEU B 272 14.24 -8.91 6.40
C LEU B 272 13.29 -9.80 7.18
N GLY B 273 13.75 -10.99 7.56
CA GLY B 273 12.87 -11.96 8.17
C GLY B 273 12.22 -12.81 7.10
N ALA B 274 11.69 -13.96 7.51
CA ALA B 274 11.13 -14.92 6.58
C ALA B 274 9.71 -14.55 6.17
N PHE B 275 9.38 -14.77 4.90
CA PHE B 275 8.00 -14.58 4.44
C PHE B 275 7.25 -15.87 4.69
N THR B 276 5.92 -15.79 4.73
CA THR B 276 5.11 -16.92 5.17
C THR B 276 4.89 -17.93 4.06
N THR B 277 5.22 -19.18 4.35
CA THR B 277 4.93 -20.30 3.46
C THR B 277 4.28 -21.43 4.23
N GLN B 278 3.81 -22.42 3.48
CA GLN B 278 3.18 -23.61 4.06
C GLN B 278 3.82 -24.84 3.46
N PRO B 279 3.91 -25.94 4.24
CA PRO B 279 4.51 -27.18 3.72
C PRO B 279 3.88 -27.60 2.39
N GLY B 280 4.71 -28.02 1.44
CA GLY B 280 4.18 -28.46 0.15
C GLY B 280 3.96 -27.36 -0.88
N ASP B 281 4.09 -26.10 -0.48
CA ASP B 281 3.97 -24.99 -1.43
C ASP B 281 4.93 -25.15 -2.61
N MET B 282 6.14 -25.62 -2.34
CA MET B 282 7.15 -25.74 -3.39
C MET B 282 6.80 -26.83 -4.40
N ASP B 283 6.20 -27.93 -3.93
CA ASP B 283 5.72 -28.98 -4.81
C ASP B 283 4.69 -28.45 -5.81
N ILE B 284 3.77 -27.64 -5.30
CA ILE B 284 2.74 -27.01 -6.13
C ILE B 284 3.37 -26.05 -7.12
N ILE B 285 4.30 -25.23 -6.64
CA ILE B 285 4.93 -24.22 -7.49
C ILE B 285 5.65 -24.90 -8.66
N SER B 286 6.21 -26.09 -8.41
CA SER B 286 7.02 -26.75 -9.42
C SER B 286 6.32 -27.88 -10.18
N ARG B 287 4.99 -27.81 -10.29
CA ARG B 287 4.26 -28.75 -11.14
C ARG B 287 4.85 -28.73 -12.54
N ASP B 288 4.89 -29.90 -13.17
CA ASP B 288 5.39 -30.01 -14.52
C ASP B 288 4.58 -29.11 -15.45
N ILE B 289 5.25 -28.31 -16.27
CA ILE B 289 4.55 -27.47 -17.25
C ILE B 289 4.99 -27.83 -18.66
N ASP B 290 4.32 -27.27 -19.68
CA ASP B 290 4.52 -27.74 -21.05
C ASP B 290 5.52 -26.89 -21.85
N PHE B 291 5.64 -25.63 -21.47
CA PHE B 291 6.60 -24.72 -22.10
C PHE B 291 6.96 -23.58 -21.16
N LEU B 292 8.04 -22.87 -21.48
CA LEU B 292 8.39 -21.66 -20.76
C LEU B 292 8.37 -20.47 -21.72
N GLY B 293 7.65 -19.41 -21.38
CA GLY B 293 7.71 -18.18 -22.15
C GLY B 293 8.79 -17.25 -21.60
N ILE B 294 9.65 -16.76 -22.48
CA ILE B 294 10.70 -15.82 -22.07
C ILE B 294 10.43 -14.45 -22.69
N ASN B 295 10.45 -13.42 -21.86
CA ASN B 295 10.38 -12.05 -22.31
C ASN B 295 11.78 -11.47 -22.21
N TYR B 296 12.37 -11.09 -23.35
CA TYR B 296 13.71 -10.56 -23.35
C TYR B 296 13.79 -9.20 -24.02
N TYR B 297 14.49 -8.27 -23.38
CA TYR B 297 14.67 -6.94 -23.95
C TYR B 297 16.12 -6.45 -23.92
N SER B 298 16.81 -6.70 -22.81
CA SER B 298 18.16 -6.19 -22.63
C SER B 298 18.94 -7.00 -21.60
N ARG B 299 20.14 -6.53 -21.28
CA ARG B 299 20.98 -7.17 -20.27
C ARG B 299 21.28 -6.18 -19.15
N MET B 300 22.01 -6.64 -18.15
CA MET B 300 22.56 -5.73 -17.16
C MET B 300 24.03 -6.05 -16.91
N VAL B 301 24.84 -4.99 -16.87
CA VAL B 301 26.26 -5.08 -16.58
C VAL B 301 26.44 -4.65 -15.13
N VAL B 302 27.20 -5.41 -14.36
CA VAL B 302 27.14 -5.32 -12.91
C VAL B 302 28.53 -5.27 -12.30
N ARG B 303 28.74 -4.41 -11.33
CA ARG B 303 29.99 -4.41 -10.58
C ARG B 303 29.76 -4.30 -9.08
N HIS B 304 30.78 -4.71 -8.35
CA HIS B 304 30.72 -4.81 -6.92
C HIS B 304 30.65 -3.46 -6.35
N LYS B 305 29.73 -3.25 -5.43
CA LYS B 305 29.66 -2.00 -4.72
C LYS B 305 29.36 -2.25 -3.27
N PRO B 306 30.21 -1.66 -2.45
CA PRO B 306 30.56 -2.08 -1.10
C PRO B 306 29.61 -2.13 0.07
N GLY B 307 28.70 -1.19 0.30
CA GLY B 307 28.15 -0.28 -0.64
C GLY B 307 26.75 -0.10 -0.07
N ASP B 308 25.79 0.19 -0.93
CA ASP B 308 24.43 0.57 -0.54
C ASP B 308 23.22 -0.39 -0.62
N ASN B 309 23.40 -1.70 -0.79
CA ASN B 309 22.24 -2.61 -0.84
C ASN B 309 22.59 -4.07 -0.44
N LEU B 310 21.61 -4.96 -0.25
CA LEU B 310 21.85 -6.33 0.22
C LEU B 310 22.70 -7.14 -0.75
N PHE B 311 22.81 -6.67 -1.98
CA PHE B 311 23.55 -7.39 -3.01
C PHE B 311 24.97 -6.88 -3.14
N ASN B 312 25.24 -5.73 -2.53
CA ASN B 312 26.49 -5.00 -2.73
C ASN B 312 26.83 -4.91 -4.22
N ALA B 313 25.82 -4.53 -5.00
CA ALA B 313 25.93 -4.58 -6.45
C ALA B 313 25.38 -3.30 -7.08
N GLU B 314 25.93 -2.95 -8.23
CA GLU B 314 25.55 -1.74 -8.94
C GLU B 314 25.45 -2.01 -10.44
N VAL B 315 24.35 -1.59 -11.07
CA VAL B 315 24.23 -1.74 -12.50
C VAL B 315 24.98 -0.62 -13.19
N VAL B 316 25.73 -0.95 -14.23
CA VAL B 316 26.54 0.03 -14.95
C VAL B 316 25.83 0.48 -16.22
N LYS B 317 25.79 1.79 -16.43
CA LYS B 317 25.22 2.35 -17.64
C LYS B 317 26.22 2.23 -18.79
N MET B 318 25.83 1.55 -19.85
CA MET B 318 26.65 1.45 -21.06
C MET B 318 26.35 2.64 -21.97
N GLU B 319 26.84 3.81 -21.58
CA GLU B 319 26.47 5.08 -22.19
C GLU B 319 27.11 5.31 -23.56
N ASP B 320 27.98 4.39 -23.98
CA ASP B 320 28.61 4.47 -25.29
C ASP B 320 28.00 3.47 -26.28
N ARG B 321 27.07 2.65 -25.80
CA ARG B 321 26.41 1.65 -26.64
C ARG B 321 25.02 2.13 -27.07
N PRO B 322 24.61 1.78 -28.31
CA PRO B 322 23.27 2.09 -28.82
C PRO B 322 22.17 1.66 -27.86
N SER B 323 21.13 2.49 -27.74
CA SER B 323 20.04 2.19 -26.84
C SER B 323 18.70 2.62 -27.44
N THR B 324 17.60 2.17 -26.83
CA THR B 324 16.26 2.48 -27.32
C THR B 324 15.72 3.76 -26.69
N GLU B 325 14.48 4.10 -27.03
CA GLU B 325 13.81 5.27 -26.46
C GLU B 325 13.59 5.08 -24.96
N MET B 326 13.67 3.83 -24.51
CA MET B 326 13.54 3.52 -23.08
C MET B 326 14.87 3.74 -22.34
N GLY B 327 15.94 3.97 -23.09
CA GLY B 327 17.27 4.05 -22.49
C GLY B 327 17.97 2.70 -22.37
N TRP B 328 17.27 1.64 -22.75
CA TRP B 328 17.79 0.26 -22.62
C TRP B 328 18.90 -0.05 -23.63
N GLU B 329 19.96 -0.70 -23.19
CA GLU B 329 20.98 -1.14 -24.13
C GLU B 329 20.43 -2.15 -25.12
N ILE B 330 20.77 -1.96 -26.40
CA ILE B 330 20.51 -2.94 -27.43
C ILE B 330 21.62 -3.99 -27.43
N TYR B 331 21.25 -5.24 -27.15
CA TYR B 331 22.22 -6.30 -26.94
C TYR B 331 21.68 -7.68 -27.37
N PRO B 332 21.68 -7.94 -28.69
CA PRO B 332 21.03 -9.16 -29.21
C PRO B 332 21.64 -10.45 -28.66
N GLN B 333 22.95 -10.43 -28.39
CA GLN B 333 23.65 -11.63 -27.91
C GLN B 333 23.07 -12.18 -26.61
N GLY B 334 22.47 -11.28 -25.81
CA GLY B 334 21.86 -11.67 -24.55
C GLY B 334 20.72 -12.65 -24.74
N LEU B 335 20.06 -12.58 -25.90
CA LEU B 335 18.92 -13.43 -26.18
C LEU B 335 19.42 -14.85 -26.44
N TYR B 336 20.51 -14.96 -27.20
CA TYR B 336 21.16 -16.23 -27.39
C TYR B 336 21.58 -16.83 -26.06
N ASP B 337 22.33 -16.04 -25.28
CA ASP B 337 22.90 -16.51 -24.02
C ASP B 337 21.84 -17.04 -23.07
N ILE B 338 20.73 -16.32 -22.96
CA ILE B 338 19.72 -16.67 -21.99
C ILE B 338 18.96 -17.92 -22.44
N LEU B 339 18.71 -18.03 -23.75
CA LEU B 339 18.06 -19.24 -24.29
C LEU B 339 18.91 -20.46 -24.01
N VAL B 340 20.21 -20.36 -24.30
CA VAL B 340 21.11 -21.47 -24.07
C VAL B 340 21.18 -21.81 -22.57
N ARG B 341 21.24 -20.78 -21.72
CA ARG B 341 21.37 -21.01 -20.29
C ARG B 341 20.17 -21.72 -19.69
N VAL B 342 18.97 -21.30 -20.08
CA VAL B 342 17.76 -21.91 -19.55
C VAL B 342 17.71 -23.39 -19.93
N ASN B 343 18.01 -23.67 -21.20
CA ASN B 343 17.91 -25.04 -21.70
C ASN B 343 18.98 -25.94 -21.08
N LYS B 344 20.12 -25.36 -20.75
CA LYS B 344 21.20 -26.11 -20.10
C LYS B 344 20.97 -26.33 -18.61
N GLU B 345 20.60 -25.29 -17.88
CA GLU B 345 20.55 -25.37 -16.41
C GLU B 345 19.19 -25.68 -15.81
N TYR B 346 18.09 -25.25 -16.44
CA TYR B 346 16.78 -25.39 -15.81
C TYR B 346 15.80 -26.38 -16.43
N THR B 347 15.69 -26.41 -17.77
CA THR B 347 14.65 -27.23 -18.37
C THR B 347 14.93 -27.64 -19.82
N ASP B 348 14.48 -28.84 -20.18
CA ASP B 348 14.54 -29.28 -21.56
C ASP B 348 13.23 -29.04 -22.32
N LYS B 349 12.26 -28.43 -21.65
CA LYS B 349 10.94 -28.15 -22.27
C LYS B 349 11.02 -27.20 -23.47
N PRO B 350 10.02 -27.25 -24.36
CA PRO B 350 9.90 -26.23 -25.41
C PRO B 350 9.98 -24.82 -24.85
N LEU B 351 10.66 -23.92 -25.56
CA LEU B 351 10.74 -22.51 -25.18
C LEU B 351 10.03 -21.62 -26.21
N TYR B 352 9.39 -20.57 -25.72
CA TYR B 352 8.82 -19.54 -26.57
C TYR B 352 9.35 -18.18 -26.17
N ILE B 353 9.73 -17.36 -27.13
CA ILE B 353 9.99 -15.95 -26.84
C ILE B 353 8.64 -15.23 -26.88
N THR B 354 8.06 -14.96 -25.70
CA THR B 354 6.68 -14.46 -25.65
C THR B 354 6.64 -12.93 -25.74
N GLU B 355 7.80 -12.30 -25.60
CA GLU B 355 7.98 -10.87 -25.91
C GLU B 355 9.42 -10.55 -26.26
N ASN B 356 9.61 -9.81 -27.35
CA ASN B 356 10.82 -9.05 -27.59
C ASN B 356 10.46 -7.91 -28.56
N GLY B 357 11.01 -6.73 -28.35
CA GLY B 357 10.74 -5.62 -29.25
C GLY B 357 11.40 -4.37 -28.73
N ALA B 358 11.04 -3.22 -29.29
CA ALA B 358 11.76 -2.00 -28.98
C ALA B 358 10.95 -0.75 -29.23
N ALA B 359 11.17 0.27 -28.40
CA ALA B 359 10.53 1.56 -28.61
C ALA B 359 11.51 2.52 -29.26
N PHE B 360 11.06 3.19 -30.32
CA PHE B 360 11.84 4.22 -30.99
C PHE B 360 10.93 5.43 -31.23
N ASP B 361 11.53 6.59 -31.48
CA ASP B 361 10.76 7.82 -31.65
C ASP B 361 10.07 7.89 -33.03
N ASP B 362 8.98 7.14 -33.21
CA ASP B 362 8.32 7.01 -34.51
C ASP B 362 7.62 8.28 -35.00
N LYS B 363 7.79 8.58 -36.28
CA LYS B 363 7.11 9.71 -36.91
C LYS B 363 6.16 9.27 -38.04
N LEU B 364 4.92 9.73 -37.97
CA LEU B 364 3.94 9.47 -39.01
C LEU B 364 4.07 10.50 -40.13
N THR B 365 4.46 10.06 -41.32
CA THR B 365 4.57 10.97 -42.46
C THR B 365 3.20 11.42 -42.94
N GLU B 366 3.14 12.51 -43.70
CA GLU B 366 1.87 13.04 -44.15
C GLU B 366 1.17 12.04 -45.08
N GLU B 367 1.95 11.10 -45.62
CA GLU B 367 1.43 10.06 -46.51
C GLU B 367 0.97 8.81 -45.77
N GLY B 368 1.09 8.80 -44.45
CA GLY B 368 0.61 7.68 -43.66
C GLY B 368 1.61 6.53 -43.56
N LYS B 369 2.89 6.87 -43.64
CA LYS B 369 3.96 5.87 -43.55
C LYS B 369 4.74 6.08 -42.26
N ILE B 370 5.38 5.01 -41.77
CA ILE B 370 6.31 5.13 -40.66
C ILE B 370 7.57 4.35 -41.01
N HIS B 371 8.65 5.08 -41.28
CA HIS B 371 9.88 4.44 -41.69
C HIS B 371 10.75 4.05 -40.50
N ASP B 372 10.32 3.05 -39.75
CA ASP B 372 11.00 2.69 -38.51
C ASP B 372 12.15 1.71 -38.74
N GLU B 373 13.18 2.22 -39.41
CA GLU B 373 14.39 1.47 -39.75
C GLU B 373 15.07 0.83 -38.53
N LYS B 374 15.07 1.55 -37.42
CA LYS B 374 15.73 1.08 -36.20
C LYS B 374 15.01 -0.13 -35.59
N ARG B 375 13.68 -0.13 -35.66
CA ARG B 375 12.92 -1.29 -35.19
C ARG B 375 13.20 -2.49 -36.09
N ILE B 376 13.25 -2.28 -37.40
CA ILE B 376 13.57 -3.36 -38.34
C ILE B 376 14.96 -3.95 -38.05
N ASN B 377 15.92 -3.08 -37.81
CA ASN B 377 17.28 -3.53 -37.48
C ASN B 377 17.32 -4.25 -36.14
N TYR B 378 16.66 -3.67 -35.15
CA TYR B 378 16.61 -4.28 -33.82
C TYR B 378 16.02 -5.68 -33.90
N LEU B 379 14.87 -5.79 -34.56
CA LEU B 379 14.18 -7.07 -34.60
C LEU B 379 14.99 -8.11 -35.35
N GLY B 380 15.48 -7.75 -36.54
CA GLY B 380 16.27 -8.65 -37.35
C GLY B 380 17.48 -9.19 -36.62
N ASP B 381 18.16 -8.32 -35.87
CA ASP B 381 19.34 -8.75 -35.11
C ASP B 381 18.99 -9.76 -34.03
N HIS B 382 17.82 -9.61 -33.41
CA HIS B 382 17.39 -10.55 -32.37
C HIS B 382 16.87 -11.85 -32.98
N PHE B 383 16.19 -11.75 -34.13
CA PHE B 383 15.76 -12.96 -34.84
C PHE B 383 16.96 -13.86 -35.15
N LYS B 384 18.06 -13.23 -35.56
CA LYS B 384 19.28 -13.95 -35.93
C LYS B 384 19.88 -14.69 -34.74
N GLN B 385 19.83 -14.06 -33.58
CA GLN B 385 20.34 -14.67 -32.35
C GLN B 385 19.44 -15.81 -31.92
N ALA B 386 18.13 -15.63 -32.06
CA ALA B 386 17.19 -16.72 -31.80
C ALA B 386 17.47 -17.90 -32.72
N TYR B 387 17.75 -17.62 -33.99
CA TYR B 387 18.04 -18.65 -34.97
C TYR B 387 19.28 -19.43 -34.56
N LYS B 388 20.30 -18.70 -34.09
CA LYS B 388 21.55 -19.34 -33.67
C LYS B 388 21.30 -20.30 -32.51
N ALA B 389 20.41 -19.90 -31.60
CA ALA B 389 20.11 -20.74 -30.45
C ALA B 389 19.38 -22.00 -30.89
N LEU B 390 18.43 -21.83 -31.81
CA LEU B 390 17.71 -22.95 -32.38
C LEU B 390 18.67 -23.94 -33.07
N LYS B 391 19.58 -23.41 -33.86
CA LYS B 391 20.55 -24.24 -34.58
C LYS B 391 21.49 -25.00 -33.64
N ASP B 392 21.75 -24.44 -32.46
CA ASP B 392 22.62 -25.07 -31.47
C ASP B 392 21.86 -25.98 -30.51
N GLY B 393 20.62 -26.29 -30.85
CA GLY B 393 19.88 -27.31 -30.12
C GLY B 393 18.82 -26.84 -29.14
N VAL B 394 18.56 -25.54 -29.08
CA VAL B 394 17.51 -25.05 -28.18
C VAL B 394 16.15 -25.31 -28.84
N PRO B 395 15.20 -25.94 -28.10
CA PRO B 395 13.85 -26.20 -28.62
C PRO B 395 12.99 -24.95 -28.67
N LEU B 396 13.41 -23.97 -29.47
CA LEU B 396 12.64 -22.74 -29.62
C LEU B 396 11.51 -22.98 -30.61
N ARG B 397 10.27 -22.79 -30.17
CA ARG B 397 9.10 -23.13 -31.00
C ARG B 397 8.38 -21.91 -31.59
N GLY B 398 8.67 -20.72 -31.10
CA GLY B 398 8.01 -19.52 -31.59
C GLY B 398 8.55 -18.23 -31.00
N TYR B 399 8.06 -17.10 -31.53
CA TYR B 399 8.64 -15.80 -31.19
C TYR B 399 7.52 -14.78 -31.37
N TYR B 400 7.14 -14.10 -30.29
CA TYR B 400 6.10 -13.08 -30.34
C TYR B 400 6.73 -11.70 -30.20
N VAL B 401 6.55 -10.87 -31.22
CA VAL B 401 7.00 -9.50 -31.17
C VAL B 401 6.10 -8.66 -30.25
N TRP B 402 6.71 -7.90 -29.35
CA TRP B 402 5.99 -6.87 -28.61
C TRP B 402 6.24 -5.55 -29.35
N SER B 403 5.20 -4.88 -29.84
CA SER B 403 3.80 -5.25 -29.68
C SER B 403 3.13 -5.27 -31.06
N LEU B 404 1.95 -5.88 -31.18
CA LEU B 404 1.14 -5.76 -32.39
C LEU B 404 0.91 -4.28 -32.73
N MET B 405 0.64 -3.48 -31.70
CA MET B 405 0.35 -2.07 -31.89
C MET B 405 0.89 -1.23 -30.72
N ASP B 406 1.16 0.04 -31.00
CA ASP B 406 1.47 1.03 -29.97
C ASP B 406 0.41 0.96 -28.89
N ASN B 407 0.82 1.13 -27.64
CA ASN B 407 -0.15 1.05 -26.55
C ASN B 407 0.27 1.81 -25.28
N PHE B 408 -0.49 1.62 -24.22
CA PHE B 408 -0.23 2.22 -22.92
C PHE B 408 1.00 1.58 -22.27
N GLU B 409 2.14 2.27 -22.29
CA GLU B 409 3.38 1.70 -21.74
C GLU B 409 3.49 2.00 -20.25
N TRP B 410 2.52 1.49 -19.50
CA TRP B 410 2.51 1.55 -18.05
C TRP B 410 2.84 2.93 -17.51
N ALA B 411 3.89 3.08 -16.70
CA ALA B 411 4.17 4.38 -16.06
C ALA B 411 4.61 5.47 -17.07
N TYR B 412 5.06 5.04 -18.25
CA TYR B 412 5.39 5.97 -19.32
C TYR B 412 4.17 6.45 -20.11
N GLY B 413 3.03 5.82 -19.93
CA GLY B 413 1.85 6.18 -20.71
C GLY B 413 2.04 5.98 -22.21
N TYR B 414 1.52 6.91 -23.01
CA TYR B 414 1.53 6.74 -24.45
C TYR B 414 2.85 7.25 -25.09
N SER B 415 3.77 7.73 -24.27
CA SER B 415 5.01 8.35 -24.76
C SER B 415 5.99 7.36 -25.41
N LYS B 416 5.81 6.07 -25.18
CA LYS B 416 6.70 5.05 -25.73
C LYS B 416 5.95 4.09 -26.66
N ARG B 417 6.42 4.01 -27.90
CA ARG B 417 5.76 3.24 -28.96
C ARG B 417 6.52 1.96 -29.31
N PHE B 418 5.93 0.80 -29.03
CA PHE B 418 6.56 -0.50 -29.30
C PHE B 418 5.91 -1.20 -30.51
N GLY B 419 4.89 -0.59 -31.09
CA GLY B 419 4.10 -1.30 -32.08
C GLY B 419 4.74 -1.62 -33.42
N LEU B 420 4.24 -2.70 -34.05
CA LEU B 420 4.39 -2.92 -35.48
C LEU B 420 3.39 -2.03 -36.22
N ILE B 421 2.35 -1.63 -35.50
CA ILE B 421 1.31 -0.77 -36.03
C ILE B 421 1.27 0.54 -35.25
N TYR B 422 1.33 1.66 -35.97
CA TYR B 422 1.21 2.98 -35.36
C TYR B 422 -0.25 3.30 -35.03
N VAL B 423 -0.51 3.73 -33.79
CA VAL B 423 -1.85 4.11 -33.40
C VAL B 423 -1.92 5.62 -33.21
N ASP B 424 -2.70 6.28 -34.07
CA ASP B 424 -2.82 7.74 -34.05
C ASP B 424 -3.97 8.09 -33.10
N TYR B 425 -3.65 8.16 -31.81
CA TYR B 425 -4.66 8.33 -30.76
C TYR B 425 -5.56 9.55 -30.96
N GLU B 426 -4.95 10.68 -31.32
CA GLU B 426 -5.67 11.95 -31.36
C GLU B 426 -6.56 12.09 -32.58
N ASN B 427 -6.41 11.18 -33.53
CA ASN B 427 -7.21 11.20 -34.74
C ASN B 427 -8.04 9.94 -34.94
N GLY B 428 -9.00 9.72 -34.06
CA GLY B 428 -9.91 8.60 -34.17
C GLY B 428 -9.28 7.24 -33.92
N ASN B 429 -8.13 7.23 -33.25
CA ASN B 429 -7.39 5.98 -32.99
C ASN B 429 -7.12 5.19 -34.26
N ARG B 430 -6.91 5.88 -35.39
CA ARG B 430 -6.71 5.17 -36.64
C ARG B 430 -5.39 4.41 -36.61
N ARG B 431 -5.35 3.25 -37.27
CA ARG B 431 -4.13 2.43 -37.30
C ARG B 431 -3.36 2.56 -38.62
N PHE B 432 -2.04 2.49 -38.54
CA PHE B 432 -1.18 2.53 -39.73
C PHE B 432 -0.14 1.43 -39.63
N LEU B 433 0.02 0.61 -40.66
CA LEU B 433 1.12 -0.35 -40.68
C LEU B 433 2.47 0.38 -40.78
N LYS B 434 3.37 0.15 -39.82
CA LYS B 434 4.72 0.70 -39.92
C LYS B 434 5.51 -0.13 -40.93
N ASP B 435 6.65 0.39 -41.37
CA ASP B 435 7.51 -0.39 -42.25
C ASP B 435 7.93 -1.72 -41.62
N SER B 436 8.07 -1.76 -40.30
CA SER B 436 8.47 -3.01 -39.65
C SER B 436 7.38 -4.08 -39.79
N ALA B 437 6.12 -3.67 -39.91
CA ALA B 437 5.05 -4.64 -40.10
C ALA B 437 5.16 -5.29 -41.47
N LEU B 438 5.47 -4.49 -42.48
CA LEU B 438 5.58 -5.00 -43.85
C LEU B 438 6.85 -5.84 -43.98
N TRP B 439 7.88 -5.48 -43.23
CA TRP B 439 9.12 -6.24 -43.19
C TRP B 439 8.92 -7.58 -42.46
N TYR B 440 8.11 -7.57 -41.40
CA TYR B 440 7.90 -8.77 -40.60
C TYR B 440 7.09 -9.78 -41.41
N ARG B 441 6.17 -9.28 -42.25
CA ARG B 441 5.39 -10.19 -43.07
CA ARG B 441 5.39 -10.17 -43.10
C ARG B 441 6.31 -11.00 -43.99
N GLU B 442 7.31 -10.35 -44.57
CA GLU B 442 8.24 -11.05 -45.45
C GLU B 442 9.13 -12.02 -44.68
N VAL B 443 9.50 -11.67 -43.45
CA VAL B 443 10.20 -12.65 -42.61
C VAL B 443 9.36 -13.92 -42.46
N ILE B 444 8.10 -13.74 -42.12
CA ILE B 444 7.20 -14.85 -41.84
C ILE B 444 6.96 -15.73 -43.07
N GLU B 445 6.76 -15.09 -44.22
CA GLU B 445 6.41 -15.81 -45.45
C GLU B 445 7.59 -16.61 -46.01
N LYS B 446 8.77 -16.00 -46.00
CA LYS B 446 9.97 -16.69 -46.49
C LYS B 446 10.67 -17.52 -45.42
N GLY B 447 10.34 -17.21 -44.17
CA GLY B 447 11.02 -17.83 -43.04
C GLY B 447 12.48 -17.40 -43.00
N GLN B 448 12.79 -16.29 -43.68
CA GLN B 448 14.15 -15.78 -43.65
C GLN B 448 14.27 -14.26 -43.55
N VAL B 449 15.20 -13.85 -42.68
CA VAL B 449 15.53 -12.47 -42.39
C VAL B 449 16.11 -11.74 -43.60
#